data_8DPY
# 
_entry.id   8DPY 
# 
_audit_conform.dict_name       mmcif_pdbx.dic 
_audit_conform.dict_version    5.397 
_audit_conform.dict_location   http://mmcif.pdb.org/dictionaries/ascii/mmcif_pdbx.dic 
# 
loop_
_database_2.database_id 
_database_2.database_code 
_database_2.pdbx_database_accession 
_database_2.pdbx_DOI 
PDB   8DPY         pdb_00008dpy 10.2210/pdb8dpy/pdb 
WWPDB D_1000266757 ?            ?                   
# 
loop_
_pdbx_audit_revision_history.ordinal 
_pdbx_audit_revision_history.data_content_type 
_pdbx_audit_revision_history.major_revision 
_pdbx_audit_revision_history.minor_revision 
_pdbx_audit_revision_history.revision_date 
1 'Structure model' 1 0 2023-05-24 
2 'Structure model' 1 1 2023-10-11 
3 'Structure model' 2 0 2023-11-15 
4 'Structure model' 2 1 2024-04-03 
5 'Structure model' 2 2 2024-10-09 
# 
_pdbx_audit_revision_details.ordinal             1 
_pdbx_audit_revision_details.revision_ordinal    1 
_pdbx_audit_revision_details.data_content_type   'Structure model' 
_pdbx_audit_revision_details.provider            repository 
_pdbx_audit_revision_details.type                'Initial release' 
_pdbx_audit_revision_details.description         ? 
_pdbx_audit_revision_details.details             ? 
# 
loop_
_pdbx_audit_revision_group.ordinal 
_pdbx_audit_revision_group.revision_ordinal 
_pdbx_audit_revision_group.data_content_type 
_pdbx_audit_revision_group.group 
1 2 'Structure model' 'Data collection'        
2 2 'Structure model' 'Database references'    
3 3 'Structure model' 'Atomic model'           
4 3 'Structure model' 'Data collection'        
5 3 'Structure model' 'Derived calculations'   
6 4 'Structure model' 'Refinement description' 
7 5 'Structure model' 'Structure summary'      
# 
loop_
_pdbx_audit_revision_category.ordinal 
_pdbx_audit_revision_category.revision_ordinal 
_pdbx_audit_revision_category.data_content_type 
_pdbx_audit_revision_category.category 
1  2 'Structure model' chem_comp_atom                 
2  2 'Structure model' chem_comp_bond                 
3  2 'Structure model' citation                       
4  2 'Structure model' citation_author                
5  3 'Structure model' atom_site                      
6  3 'Structure model' chem_comp_atom                 
7  3 'Structure model' chem_comp_bond                 
8  3 'Structure model' pdbx_validate_main_chain_plane 
9  3 'Structure model' pdbx_validate_peptide_omega    
10 3 'Structure model' pdbx_validate_rmsd_angle       
11 3 'Structure model' struct_conn                    
12 4 'Structure model' pdbx_initial_refinement_model  
13 5 'Structure model' pdbx_entry_details             
14 5 'Structure model' pdbx_modification_feature      
# 
loop_
_pdbx_audit_revision_item.ordinal 
_pdbx_audit_revision_item.revision_ordinal 
_pdbx_audit_revision_item.data_content_type 
_pdbx_audit_revision_item.item 
1  2 'Structure model' '_citation.journal_volume'                     
2  2 'Structure model' '_citation_author.identifier_ORCID'            
3  3 'Structure model' '_atom_site.auth_atom_id'                      
4  3 'Structure model' '_atom_site.label_atom_id'                     
5  3 'Structure model' '_chem_comp_atom.atom_id'                      
6  3 'Structure model' '_chem_comp_bond.atom_id_1'                    
7  3 'Structure model' '_chem_comp_bond.atom_id_2'                    
8  3 'Structure model' '_struct_conn.pdbx_leaving_atom_flag'          
9  3 'Structure model' '_struct_conn.ptnr1_label_atom_id'             
10 3 'Structure model' '_struct_conn.ptnr2_label_atom_id'             
11 5 'Structure model' '_pdbx_entry_details.has_protein_modification' 
# 
_pdbx_database_status.status_code                     REL 
_pdbx_database_status.status_code_sf                  REL 
_pdbx_database_status.status_code_mr                  ? 
_pdbx_database_status.entry_id                        8DPY 
_pdbx_database_status.recvd_initial_deposition_date   2022-07-18 
_pdbx_database_status.SG_entry                        N 
_pdbx_database_status.deposit_site                    RCSB 
_pdbx_database_status.process_site                    RCSB 
_pdbx_database_status.status_code_cs                  ? 
_pdbx_database_status.status_code_nmr_data            ? 
_pdbx_database_status.methods_development_category    ? 
_pdbx_database_status.pdb_format_compatible           Y 
# 
_pdbx_contact_author.id                 2 
_pdbx_contact_author.email              arora@nyu.edu 
_pdbx_contact_author.name_first         Paramjit 
_pdbx_contact_author.name_last          Arora 
_pdbx_contact_author.name_mi            S 
_pdbx_contact_author.role               'principal investigator/group leader' 
_pdbx_contact_author.identifier_ORCID   0000-0001-5315-401X 
# 
loop_
_audit_author.name 
_audit_author.pdbx_ordinal 
_audit_author.identifier_ORCID 
'Lu, B.'        1 0000-0001-6424-2197 
'Vecchioni, S.' 2 0000-0001-8243-650X 
'Nazzaro, A.'   3 ?                   
'Arora, P.S.'   4 0000-0001-5315-401X 
# 
_citation.abstract                  ? 
_citation.abstract_id_CAS           ? 
_citation.book_id_ISBN              ? 
_citation.book_publisher            ? 
_citation.book_publisher_city       ? 
_citation.book_title                ? 
_citation.coordinate_linkage        ? 
_citation.country                   GE 
_citation.database_id_Medline       ? 
_citation.details                   ? 
_citation.id                        primary 
_citation.journal_abbrev            Angew.Chem.Int.Ed.Engl. 
_citation.journal_id_ASTM           ACIEAY 
_citation.journal_id_CSD            0179 
_citation.journal_id_ISSN           1521-3773 
_citation.journal_full              ? 
_citation.journal_issue             ? 
_citation.journal_volume            62 
_citation.language                  ? 
_citation.page_first                e202303943 
_citation.page_last                 e202303943 
_citation.title                     'Macrocyclic beta-Sheets Stabilized by Hydrogen Bond Surrogates.' 
_citation.year                      2023 
_citation.database_id_CSD           ? 
_citation.pdbx_database_id_DOI      10.1002/anie.202303943 
_citation.pdbx_database_id_PubMed   37170337 
_citation.pdbx_database_id_patent   ? 
_citation.unpublished_flag          ? 
# 
loop_
_citation_author.citation_id 
_citation_author.name 
_citation_author.ordinal 
_citation_author.identifier_ORCID 
primary 'Nazzaro, A.'   1 ?                   
primary 'Lu, B.'        2 ?                   
primary 'Sawyer, N.'    3 0000-0002-6393-5626 
primary 'Watkins, A.M.' 4 0000-0003-1617-1720 
primary 'Arora, P.S.'   5 0000-0001-5315-401X 
# 
loop_
_entity.id 
_entity.type 
_entity.src_method 
_entity.pdbx_description 
_entity.formula_weight 
_entity.pdbx_number_of_molecules 
_entity.pdbx_ec 
_entity.pdbx_mutation 
_entity.pdbx_fragment 
_entity.details 
1 polymer syn 'beta sheet-forming peptide with flexible linker' 1433.628 2  ? ? ? ? 
2 water   nat water                                             18.015   23 ? ? ? ? 
# 
_entity_poly.entity_id                      1 
_entity_poly.type                           'polypeptide(L)' 
_entity_poly.nstd_linkage                   no 
_entity_poly.nstd_monomer                   yes 
_entity_poly.pdbx_seq_one_letter_code       'TYRV(T7C)TWET(T7H)' 
_entity_poly.pdbx_seq_one_letter_code_can   TYRVXTWETX 
_entity_poly.pdbx_strand_id                 A,B 
_entity_poly.pdbx_target_identifier         ? 
# 
_pdbx_entity_nonpoly.entity_id   2 
_pdbx_entity_nonpoly.name        water 
_pdbx_entity_nonpoly.comp_id     HOH 
# 
loop_
_entity_poly_seq.entity_id 
_entity_poly_seq.num 
_entity_poly_seq.mon_id 
_entity_poly_seq.hetero 
1 1  THR n 
1 2  TYR n 
1 3  ARG n 
1 4  VAL n 
1 5  T7C n 
1 6  THR n 
1 7  TRP n 
1 8  GLU n 
1 9  THR n 
1 10 T7H n 
# 
_pdbx_entity_src_syn.entity_id              1 
_pdbx_entity_src_syn.pdbx_src_id            1 
_pdbx_entity_src_syn.pdbx_alt_source_flag   sample 
_pdbx_entity_src_syn.pdbx_beg_seq_num       1 
_pdbx_entity_src_syn.pdbx_end_seq_num       10 
_pdbx_entity_src_syn.organism_scientific    'synthetic construct' 
_pdbx_entity_src_syn.organism_common_name   ? 
_pdbx_entity_src_syn.ncbi_taxonomy_id       32630 
_pdbx_entity_src_syn.details                ? 
# 
loop_
_chem_comp.id 
_chem_comp.type 
_chem_comp.mon_nstd_flag 
_chem_comp.name 
_chem_comp.pdbx_synonyms 
_chem_comp.formula 
_chem_comp.formula_weight 
ARG 'L-peptide linking' y ARGININE                                                         ? 'C6 H15 N4 O2 1' 175.209 
GLU 'L-peptide linking' y 'GLUTAMIC ACID'                                                  ? 'C5 H9 N O4'     147.129 
HOH non-polymer         . WATER                                                            ? 'H2 O'           18.015  
T7C non-polymer         . '3-({2-[(2-amino-2-oxoethyl)amino]ethyl}sulfanyl)propanoic acid' ? 'C7 H14 N2 O3 S' 206.263 
T7H non-polymer         . '3-({2-[(carboxymethyl)amino]ethyl}sulfanyl)propanoic acid'      ? 'C7 H13 N O4 S'  207.247 
THR 'L-peptide linking' y THREONINE                                                        ? 'C4 H9 N O3'     119.119 
TRP 'L-peptide linking' y TRYPTOPHAN                                                       ? 'C11 H12 N2 O2'  204.225 
TYR 'L-peptide linking' y TYROSINE                                                         ? 'C9 H11 N O3'    181.189 
VAL 'L-peptide linking' y VALINE                                                           ? 'C5 H11 N O2'    117.146 
# 
loop_
_pdbx_poly_seq_scheme.asym_id 
_pdbx_poly_seq_scheme.entity_id 
_pdbx_poly_seq_scheme.seq_id 
_pdbx_poly_seq_scheme.mon_id 
_pdbx_poly_seq_scheme.ndb_seq_num 
_pdbx_poly_seq_scheme.pdb_seq_num 
_pdbx_poly_seq_scheme.auth_seq_num 
_pdbx_poly_seq_scheme.pdb_mon_id 
_pdbx_poly_seq_scheme.auth_mon_id 
_pdbx_poly_seq_scheme.pdb_strand_id 
_pdbx_poly_seq_scheme.pdb_ins_code 
_pdbx_poly_seq_scheme.hetero 
A 1 1  THR 1  1  1  THR THR A . n 
A 1 2  TYR 2  2  2  TYR TYR A . n 
A 1 3  ARG 3  3  3  ARG ARG A . n 
A 1 4  VAL 4  4  4  VAL VAL A . n 
A 1 5  T7C 5  5  5  T7C LK1 A . n 
A 1 6  THR 6  6  6  THR THR A . n 
A 1 7  TRP 7  7  7  TRP TRP A . n 
A 1 8  GLU 8  8  8  GLU GLU A . n 
A 1 9  THR 9  9  9  THR THR A . n 
A 1 10 T7H 10 10 10 T7H LK2 A . n 
B 1 1  THR 1  1  1  THR THR B . n 
B 1 2  TYR 2  2  2  TYR TYR B . n 
B 1 3  ARG 3  3  3  ARG ARG B . n 
B 1 4  VAL 4  4  4  VAL VAL B . n 
B 1 5  T7C 5  5  5  T7C LK1 B . n 
B 1 6  THR 6  6  6  THR THR B . n 
B 1 7  TRP 7  7  7  TRP TRP B . n 
B 1 8  GLU 8  8  8  GLU GLU B . n 
B 1 9  THR 9  9  9  THR THR B . n 
B 1 10 T7H 10 10 10 T7H LK2 B . n 
# 
loop_
_pdbx_entity_instance_feature.ordinal 
_pdbx_entity_instance_feature.comp_id 
_pdbx_entity_instance_feature.asym_id 
_pdbx_entity_instance_feature.seq_num 
_pdbx_entity_instance_feature.auth_comp_id 
_pdbx_entity_instance_feature.auth_asym_id 
_pdbx_entity_instance_feature.auth_seq_num 
_pdbx_entity_instance_feature.feature_type 
_pdbx_entity_instance_feature.details 
1 T7C ? ? T7C ? ? 'SUBJECT OF INVESTIGATION' ? 
2 T7H ? ? T7H ? ? 'SUBJECT OF INVESTIGATION' ? 
# 
loop_
_pdbx_nonpoly_scheme.asym_id 
_pdbx_nonpoly_scheme.entity_id 
_pdbx_nonpoly_scheme.mon_id 
_pdbx_nonpoly_scheme.ndb_seq_num 
_pdbx_nonpoly_scheme.pdb_seq_num 
_pdbx_nonpoly_scheme.auth_seq_num 
_pdbx_nonpoly_scheme.pdb_mon_id 
_pdbx_nonpoly_scheme.auth_mon_id 
_pdbx_nonpoly_scheme.pdb_strand_id 
_pdbx_nonpoly_scheme.pdb_ins_code 
C 2 HOH 1  101 21 HOH HOH A . 
C 2 HOH 2  102 11 HOH HOH A . 
C 2 HOH 3  103 1  HOH HOH A . 
C 2 HOH 4  104 13 HOH HOH A . 
C 2 HOH 5  105 2  HOH HOH A . 
C 2 HOH 6  106 5  HOH HOH A . 
C 2 HOH 7  107 12 HOH HOH A . 
C 2 HOH 8  108 10 HOH HOH A . 
C 2 HOH 9  109 3  HOH HOH A . 
C 2 HOH 10 110 16 HOH HOH A . 
C 2 HOH 11 111 14 HOH HOH A . 
D 2 HOH 1  101 23 HOH HOH B . 
D 2 HOH 2  102 17 HOH HOH B . 
D 2 HOH 3  103 9  HOH HOH B . 
D 2 HOH 4  104 20 HOH HOH B . 
D 2 HOH 5  105 6  HOH HOH B . 
D 2 HOH 6  106 4  HOH HOH B . 
D 2 HOH 7  107 18 HOH HOH B . 
D 2 HOH 8  108 22 HOH HOH B . 
D 2 HOH 9  109 7  HOH HOH B . 
D 2 HOH 10 110 8  HOH HOH B . 
D 2 HOH 11 111 15 HOH HOH B . 
D 2 HOH 12 112 19 HOH HOH B . 
# 
loop_
_software.citation_id 
_software.classification 
_software.compiler_name 
_software.compiler_version 
_software.contact_author 
_software.contact_author_email 
_software.date 
_software.description 
_software.dependencies 
_software.hardware 
_software.language 
_software.location 
_software.mods 
_software.name 
_software.os 
_software.os_version 
_software.type 
_software.version 
_software.pdbx_ordinal 
? refinement       ? ? ? ? ? ? ? ? ? ? ? PHENIX    ? ? ? 1.20.1_4487 1 
? 'data reduction' ? ? ? ? ? ? ? ? ? ? ? autoPROC  ? ? ? .           2 
? 'data scaling'   ? ? ? ? ? ? ? ? ? ? ? STARANISO ? ? ? .           3 
? phasing          ? ? ? ? ? ? ? ? ? ? ? PHASER    ? ? ? .           4 
# 
_cell.angle_alpha                  90.000 
_cell.angle_alpha_esd              ? 
_cell.angle_beta                   90.000 
_cell.angle_beta_esd               ? 
_cell.angle_gamma                  120.000 
_cell.angle_gamma_esd              ? 
_cell.entry_id                     8DPY 
_cell.details                      ? 
_cell.formula_units_Z              ? 
_cell.length_a                     43.176 
_cell.length_a_esd                 ? 
_cell.length_b                     43.176 
_cell.length_b_esd                 ? 
_cell.length_c                     22.223 
_cell.length_c_esd                 ? 
_cell.volume                       35877.166 
_cell.volume_esd                   ? 
_cell.Z_PDB                        12 
_cell.reciprocal_angle_alpha       ? 
_cell.reciprocal_angle_beta        ? 
_cell.reciprocal_angle_gamma       ? 
_cell.reciprocal_angle_alpha_esd   ? 
_cell.reciprocal_angle_beta_esd    ? 
_cell.reciprocal_angle_gamma_esd   ? 
_cell.reciprocal_length_a          ? 
_cell.reciprocal_length_b          ? 
_cell.reciprocal_length_c          ? 
_cell.reciprocal_length_a_esd      ? 
_cell.reciprocal_length_b_esd      ? 
_cell.reciprocal_length_c_esd      ? 
_cell.pdbx_unique_axis             ? 
_cell.pdbx_esd_method              ? 
# 
_symmetry.entry_id                         8DPY 
_symmetry.cell_setting                     ? 
_symmetry.Int_Tables_number                171 
_symmetry.space_group_name_Hall            'P 62' 
_symmetry.space_group_name_H-M             'P 62' 
_symmetry.pdbx_full_space_group_name_H-M   ? 
# 
_exptl.absorpt_coefficient_mu     ? 
_exptl.absorpt_correction_T_max   ? 
_exptl.absorpt_correction_T_min   ? 
_exptl.absorpt_correction_type    ? 
_exptl.absorpt_process_details    ? 
_exptl.entry_id                   8DPY 
_exptl.crystals_number            1 
_exptl.details                    ? 
_exptl.method                     'X-RAY DIFFRACTION' 
_exptl.method_details             ? 
# 
_exptl_crystal.colour                       ? 
_exptl_crystal.density_diffrn               ? 
_exptl_crystal.density_Matthews             2.09 
_exptl_crystal.density_method               ? 
_exptl_crystal.density_percent_sol          41.02 
_exptl_crystal.description                  ? 
_exptl_crystal.F_000                        ? 
_exptl_crystal.id                           1 
_exptl_crystal.preparation                  ? 
_exptl_crystal.size_max                     ? 
_exptl_crystal.size_mid                     ? 
_exptl_crystal.size_min                     ? 
_exptl_crystal.size_rad                     ? 
_exptl_crystal.colour_lustre                ? 
_exptl_crystal.colour_modifier              ? 
_exptl_crystal.colour_primary               ? 
_exptl_crystal.density_meas                 ? 
_exptl_crystal.density_meas_esd             ? 
_exptl_crystal.density_meas_gt              ? 
_exptl_crystal.density_meas_lt              ? 
_exptl_crystal.density_meas_temp            ? 
_exptl_crystal.density_meas_temp_esd        ? 
_exptl_crystal.density_meas_temp_gt         ? 
_exptl_crystal.density_meas_temp_lt         ? 
_exptl_crystal.pdbx_crystal_image_url       ? 
_exptl_crystal.pdbx_crystal_image_format    ? 
_exptl_crystal.pdbx_mosaicity               ? 
_exptl_crystal.pdbx_mosaicity_esd           ? 
_exptl_crystal.pdbx_mosaic_method           ? 
_exptl_crystal.pdbx_mosaic_block_size       ? 
_exptl_crystal.pdbx_mosaic_block_size_esd   ? 
# 
_exptl_crystal_grow.apparatus       ? 
_exptl_crystal_grow.atmosphere      ? 
_exptl_crystal_grow.crystal_id      1 
_exptl_crystal_grow.details         ? 
_exptl_crystal_grow.method          'VAPOR DIFFUSION, HANGING DROP' 
_exptl_crystal_grow.method_ref      ? 
_exptl_crystal_grow.pH              7.25 
_exptl_crystal_grow.pressure        ? 
_exptl_crystal_grow.pressure_esd    ? 
_exptl_crystal_grow.seeding         ? 
_exptl_crystal_grow.seeding_ref     ? 
_exptl_crystal_grow.temp            298 
_exptl_crystal_grow.temp_details    ? 
_exptl_crystal_grow.temp_esd        ? 
_exptl_crystal_grow.time            ? 
_exptl_crystal_grow.pdbx_details    '4 mM peptide, 1.4 M sodium phosphate' 
_exptl_crystal_grow.pdbx_pH_range   ? 
# 
_diffrn.ambient_environment              ? 
_diffrn.ambient_temp                     100 
_diffrn.ambient_temp_details             ? 
_diffrn.ambient_temp_esd                 ? 
_diffrn.crystal_id                       1 
_diffrn.crystal_support                  ? 
_diffrn.crystal_treatment                ? 
_diffrn.details                          ? 
_diffrn.id                               1 
_diffrn.ambient_pressure                 ? 
_diffrn.ambient_pressure_esd             ? 
_diffrn.ambient_pressure_gt              ? 
_diffrn.ambient_pressure_lt              ? 
_diffrn.ambient_temp_gt                  ? 
_diffrn.ambient_temp_lt                  ? 
_diffrn.pdbx_serial_crystal_experiment   N 
# 
_diffrn_detector.details                      ? 
_diffrn_detector.detector                     PIXEL 
_diffrn_detector.diffrn_id                    1 
_diffrn_detector.type                         'DECTRIS EIGER X 9M' 
_diffrn_detector.area_resol_mean              ? 
_diffrn_detector.dtime                        ? 
_diffrn_detector.pdbx_frames_total            ? 
_diffrn_detector.pdbx_collection_time_total   ? 
_diffrn_detector.pdbx_collection_date         2022-02-25 
_diffrn_detector.pdbx_frequency               ? 
# 
_diffrn_radiation.collimation                      ? 
_diffrn_radiation.diffrn_id                        1 
_diffrn_radiation.filter_edge                      ? 
_diffrn_radiation.inhomogeneity                    ? 
_diffrn_radiation.monochromator                    ? 
_diffrn_radiation.polarisn_norm                    ? 
_diffrn_radiation.polarisn_ratio                   ? 
_diffrn_radiation.probe                            ? 
_diffrn_radiation.type                             ? 
_diffrn_radiation.xray_symbol                      ? 
_diffrn_radiation.wavelength_id                    1 
_diffrn_radiation.pdbx_monochromatic_or_laue_m_l   M 
_diffrn_radiation.pdbx_wavelength_list             ? 
_diffrn_radiation.pdbx_wavelength                  ? 
_diffrn_radiation.pdbx_diffrn_protocol             'SINGLE WAVELENGTH' 
_diffrn_radiation.pdbx_analyzer                    ? 
_diffrn_radiation.pdbx_scattering_type             x-ray 
# 
_diffrn_radiation_wavelength.id           1 
_diffrn_radiation_wavelength.wavelength   0.92010 
_diffrn_radiation_wavelength.wt           1.0 
# 
_diffrn_source.current                     ? 
_diffrn_source.details                     ? 
_diffrn_source.diffrn_id                   1 
_diffrn_source.power                       ? 
_diffrn_source.size                        ? 
_diffrn_source.source                      SYNCHROTRON 
_diffrn_source.target                      ? 
_diffrn_source.type                        'NSLS BEAMLINE X17B1' 
_diffrn_source.voltage                     ? 
_diffrn_source.take-off_angle              ? 
_diffrn_source.pdbx_wavelength_list        0.92010 
_diffrn_source.pdbx_wavelength             ? 
_diffrn_source.pdbx_synchrotron_beamline   X17B1 
_diffrn_source.pdbx_synchrotron_site       NSLS 
# 
_reflns.B_iso_Wilson_estimate                          9.07 
_reflns.entry_id                                       8DPY 
_reflns.data_reduction_details                         ? 
_reflns.data_reduction_method                          ? 
_reflns.d_resolution_high                              0.997 
_reflns.d_resolution_low                               37.392 
_reflns.details                                        ? 
_reflns.limit_h_max                                    ? 
_reflns.limit_h_min                                    ? 
_reflns.limit_k_max                                    ? 
_reflns.limit_k_min                                    ? 
_reflns.limit_l_max                                    ? 
_reflns.limit_l_min                                    ? 
_reflns.number_all                                     ? 
_reflns.number_obs                                     11294 
_reflns.observed_criterion                             ? 
_reflns.observed_criterion_F_max                       ? 
_reflns.observed_criterion_F_min                       ? 
_reflns.observed_criterion_I_max                       ? 
_reflns.observed_criterion_I_min                       ? 
_reflns.observed_criterion_sigma_F                     ? 
_reflns.observed_criterion_sigma_I                     ? 
_reflns.percent_possible_obs                           91.5 
_reflns.R_free_details                                 ? 
_reflns.Rmerge_F_all                                   ? 
_reflns.Rmerge_F_obs                                   ? 
_reflns.Friedel_coverage                               ? 
_reflns.number_gt                                      ? 
_reflns.threshold_expression                           ? 
_reflns.pdbx_redundancy                                9.7 
_reflns.pdbx_Rmerge_I_obs                              ? 
_reflns.pdbx_Rmerge_I_all                              ? 
_reflns.pdbx_Rsym_value                                ? 
_reflns.pdbx_netI_over_av_sigmaI                       ? 
_reflns.pdbx_netI_over_sigmaI                          16.2 
_reflns.pdbx_res_netI_over_av_sigmaI_2                 ? 
_reflns.pdbx_res_netI_over_sigmaI_2                    ? 
_reflns.pdbx_chi_squared                               ? 
_reflns.pdbx_scaling_rejects                           ? 
_reflns.pdbx_d_res_high_opt                            ? 
_reflns.pdbx_d_res_low_opt                             ? 
_reflns.pdbx_d_res_opt_method                          ? 
_reflns.phase_calculation_details                      ? 
_reflns.pdbx_Rrim_I_all                                ? 
_reflns.pdbx_Rpim_I_all                                ? 
_reflns.pdbx_d_opt                                     ? 
_reflns.pdbx_number_measured_all                       ? 
_reflns.pdbx_diffrn_id                                 1 
_reflns.pdbx_ordinal                                   1 
_reflns.pdbx_CC_half                                   1.000 
_reflns.pdbx_CC_star                                   ? 
_reflns.pdbx_R_split                                   ? 
_reflns.pdbx_aniso_diffraction_limit_axis_1_ortho[1]   ? 
_reflns.pdbx_aniso_diffraction_limit_axis_1_ortho[2]   ? 
_reflns.pdbx_aniso_diffraction_limit_axis_1_ortho[3]   ? 
_reflns.pdbx_aniso_diffraction_limit_axis_2_ortho[1]   ? 
_reflns.pdbx_aniso_diffraction_limit_axis_2_ortho[2]   ? 
_reflns.pdbx_aniso_diffraction_limit_axis_2_ortho[3]   ? 
_reflns.pdbx_aniso_diffraction_limit_axis_3_ortho[1]   ? 
_reflns.pdbx_aniso_diffraction_limit_axis_3_ortho[2]   ? 
_reflns.pdbx_aniso_diffraction_limit_axis_3_ortho[3]   ? 
_reflns.pdbx_aniso_diffraction_limit_1                 ? 
_reflns.pdbx_aniso_diffraction_limit_2                 ? 
_reflns.pdbx_aniso_diffraction_limit_3                 ? 
_reflns.pdbx_aniso_B_tensor_eigenvector_1_ortho[1]     ? 
_reflns.pdbx_aniso_B_tensor_eigenvector_1_ortho[2]     ? 
_reflns.pdbx_aniso_B_tensor_eigenvector_1_ortho[3]     ? 
_reflns.pdbx_aniso_B_tensor_eigenvector_2_ortho[1]     ? 
_reflns.pdbx_aniso_B_tensor_eigenvector_2_ortho[2]     ? 
_reflns.pdbx_aniso_B_tensor_eigenvector_2_ortho[3]     ? 
_reflns.pdbx_aniso_B_tensor_eigenvector_3_ortho[1]     ? 
_reflns.pdbx_aniso_B_tensor_eigenvector_3_ortho[2]     ? 
_reflns.pdbx_aniso_B_tensor_eigenvector_3_ortho[3]     ? 
_reflns.pdbx_aniso_B_tensor_eigenvalue_1               ? 
_reflns.pdbx_aniso_B_tensor_eigenvalue_2               ? 
_reflns.pdbx_aniso_B_tensor_eigenvalue_3               ? 
_reflns.pdbx_orthogonalization_convention              ? 
_reflns.pdbx_percent_possible_ellipsoidal              ? 
_reflns.pdbx_percent_possible_spherical                ? 
_reflns.pdbx_percent_possible_ellipsoidal_anomalous    ? 
_reflns.pdbx_percent_possible_spherical_anomalous      ? 
_reflns.pdbx_redundancy_anomalous                      ? 
_reflns.pdbx_CC_half_anomalous                         ? 
_reflns.pdbx_absDiff_over_sigma_anomalous              ? 
_reflns.pdbx_percent_possible_anomalous                ? 
_reflns.pdbx_observed_signal_threshold                 ? 
_reflns.pdbx_signal_type                               ? 
_reflns.pdbx_signal_details                            ? 
_reflns.pdbx_signal_software_id                        ? 
_reflns.pdbx_CC_split_method                           ? 
# 
_reflns_shell.d_res_high                                    0.997 
_reflns_shell.d_res_low                                     1.056 
_reflns_shell.meanI_over_sigI_all                           ? 
_reflns_shell.meanI_over_sigI_obs                           ? 
_reflns_shell.number_measured_all                           ? 
_reflns_shell.number_measured_obs                           ? 
_reflns_shell.number_possible                               ? 
_reflns_shell.number_unique_all                             ? 
_reflns_shell.number_unique_obs                             565 
_reflns_shell.percent_possible_all                          ? 
_reflns_shell.percent_possible_obs                          ? 
_reflns_shell.Rmerge_F_all                                  ? 
_reflns_shell.Rmerge_F_obs                                  ? 
_reflns_shell.Rmerge_I_all                                  ? 
_reflns_shell.Rmerge_I_obs                                  ? 
_reflns_shell.meanI_over_sigI_gt                            ? 
_reflns_shell.meanI_over_uI_all                             ? 
_reflns_shell.meanI_over_uI_gt                              ? 
_reflns_shell.number_measured_gt                            ? 
_reflns_shell.number_unique_gt                              ? 
_reflns_shell.percent_possible_gt                           ? 
_reflns_shell.Rmerge_F_gt                                   ? 
_reflns_shell.Rmerge_I_gt                                   ? 
_reflns_shell.pdbx_redundancy                               ? 
_reflns_shell.pdbx_Rsym_value                               ? 
_reflns_shell.pdbx_chi_squared                              ? 
_reflns_shell.pdbx_netI_over_sigmaI_all                     ? 
_reflns_shell.pdbx_netI_over_sigmaI_obs                     ? 
_reflns_shell.pdbx_Rrim_I_all                               ? 
_reflns_shell.pdbx_Rpim_I_all                               ? 
_reflns_shell.pdbx_rejects                                  ? 
_reflns_shell.pdbx_ordinal                                  1 
_reflns_shell.pdbx_diffrn_id                                1 
_reflns_shell.pdbx_CC_half                                  0.432 
_reflns_shell.pdbx_CC_star                                  ? 
_reflns_shell.pdbx_R_split                                  ? 
_reflns_shell.pdbx_percent_possible_ellipsoidal             ? 
_reflns_shell.pdbx_percent_possible_spherical               ? 
_reflns_shell.pdbx_percent_possible_ellipsoidal_anomalous   ? 
_reflns_shell.pdbx_percent_possible_spherical_anomalous     ? 
_reflns_shell.pdbx_redundancy_anomalous                     ? 
_reflns_shell.pdbx_CC_half_anomalous                        ? 
_reflns_shell.pdbx_absDiff_over_sigma_anomalous             ? 
_reflns_shell.pdbx_percent_possible_anomalous               ? 
# 
_refine.aniso_B[1][1]                            ? 
_refine.aniso_B[1][2]                            ? 
_refine.aniso_B[1][3]                            ? 
_refine.aniso_B[2][2]                            ? 
_refine.aniso_B[2][3]                            ? 
_refine.aniso_B[3][3]                            ? 
_refine.B_iso_max                                ? 
_refine.B_iso_mean                               16.22 
_refine.B_iso_min                                ? 
_refine.correlation_coeff_Fo_to_Fc               ? 
_refine.correlation_coeff_Fo_to_Fc_free          ? 
_refine.details                                  ? 
_refine.diff_density_max                         ? 
_refine.diff_density_max_esd                     ? 
_refine.diff_density_min                         ? 
_refine.diff_density_min_esd                     ? 
_refine.diff_density_rms                         ? 
_refine.diff_density_rms_esd                     ? 
_refine.entry_id                                 8DPY 
_refine.pdbx_refine_id                           'X-RAY DIFFRACTION' 
_refine.ls_abs_structure_details                 ? 
_refine.ls_abs_structure_Flack                   ? 
_refine.ls_abs_structure_Flack_esd               ? 
_refine.ls_abs_structure_Rogers                  ? 
_refine.ls_abs_structure_Rogers_esd              ? 
_refine.ls_d_res_high                            1.00 
_refine.ls_d_res_low                             21.59 
_refine.ls_extinction_coef                       ? 
_refine.ls_extinction_coef_esd                   ? 
_refine.ls_extinction_expression                 ? 
_refine.ls_extinction_method                     ? 
_refine.ls_goodness_of_fit_all                   ? 
_refine.ls_goodness_of_fit_all_esd               ? 
_refine.ls_goodness_of_fit_obs                   ? 
_refine.ls_goodness_of_fit_obs_esd               ? 
_refine.ls_hydrogen_treatment                    ? 
_refine.ls_matrix_type                           ? 
_refine.ls_number_constraints                    ? 
_refine.ls_number_parameters                     ? 
_refine.ls_number_reflns_all                     ? 
_refine.ls_number_reflns_obs                     11290 
_refine.ls_number_reflns_R_free                  594 
_refine.ls_number_reflns_R_work                  10696 
_refine.ls_number_restraints                     ? 
_refine.ls_percent_reflns_obs                    86.39 
_refine.ls_percent_reflns_R_free                 5.26 
_refine.ls_R_factor_all                          ? 
_refine.ls_R_factor_obs                          0.1805 
_refine.ls_R_factor_R_free                       0.2063 
_refine.ls_R_factor_R_free_error                 ? 
_refine.ls_R_factor_R_free_error_details         ? 
_refine.ls_R_factor_R_work                       0.1790 
_refine.ls_R_Fsqd_factor_obs                     ? 
_refine.ls_R_I_factor_obs                        ? 
_refine.ls_redundancy_reflns_all                 ? 
_refine.ls_redundancy_reflns_obs                 ? 
_refine.ls_restrained_S_all                      ? 
_refine.ls_restrained_S_obs                      ? 
_refine.ls_shift_over_esd_max                    ? 
_refine.ls_shift_over_esd_mean                   ? 
_refine.ls_structure_factor_coef                 ? 
_refine.ls_weighting_details                     ? 
_refine.ls_weighting_scheme                      ? 
_refine.ls_wR_factor_all                         ? 
_refine.ls_wR_factor_obs                         ? 
_refine.ls_wR_factor_R_free                      ? 
_refine.ls_wR_factor_R_work                      ? 
_refine.occupancy_max                            ? 
_refine.occupancy_min                            ? 
_refine.solvent_model_details                    'FLAT BULK SOLVENT MODEL' 
_refine.solvent_model_param_bsol                 ? 
_refine.solvent_model_param_ksol                 ? 
_refine.pdbx_R_complete                          ? 
_refine.ls_R_factor_gt                           ? 
_refine.ls_goodness_of_fit_gt                    ? 
_refine.ls_goodness_of_fit_ref                   ? 
_refine.ls_shift_over_su_max                     ? 
_refine.ls_shift_over_su_max_lt                  ? 
_refine.ls_shift_over_su_mean                    ? 
_refine.ls_shift_over_su_mean_lt                 ? 
_refine.pdbx_ls_sigma_I                          ? 
_refine.pdbx_ls_sigma_F                          1.35 
_refine.pdbx_ls_sigma_Fsqd                       ? 
_refine.pdbx_data_cutoff_high_absF               ? 
_refine.pdbx_data_cutoff_high_rms_absF           ? 
_refine.pdbx_data_cutoff_low_absF                ? 
_refine.pdbx_isotropic_thermal_model             ? 
_refine.pdbx_ls_cross_valid_method               'FREE R-VALUE' 
_refine.pdbx_method_to_determine_struct          'MOLECULAR REPLACEMENT' 
_refine.pdbx_starting_model                      'NMR Solution Structure' 
_refine.pdbx_stereochemistry_target_values       'GeoStd + Monomer Library + CDL v1.2' 
_refine.pdbx_R_Free_selection_details            ? 
_refine.pdbx_stereochem_target_val_spec_case     ? 
_refine.pdbx_overall_ESU_R                       ? 
_refine.pdbx_overall_ESU_R_Free                  ? 
_refine.pdbx_solvent_vdw_probe_radii             1.1000 
_refine.pdbx_solvent_ion_probe_radii             ? 
_refine.pdbx_solvent_shrinkage_radii             0.9000 
_refine.pdbx_real_space_R                        ? 
_refine.pdbx_density_correlation                 ? 
_refine.pdbx_pd_number_of_powder_patterns        ? 
_refine.pdbx_pd_number_of_points                 ? 
_refine.pdbx_pd_meas_number_of_points            ? 
_refine.pdbx_pd_proc_ls_prof_R_factor            ? 
_refine.pdbx_pd_proc_ls_prof_wR_factor           ? 
_refine.pdbx_pd_Marquardt_correlation_coeff      ? 
_refine.pdbx_pd_Fsqrd_R_factor                   ? 
_refine.pdbx_pd_ls_matrix_band_width             ? 
_refine.pdbx_overall_phase_error                 28.9662 
_refine.pdbx_overall_SU_R_free_Cruickshank_DPI   ? 
_refine.pdbx_overall_SU_R_free_Blow_DPI          ? 
_refine.pdbx_overall_SU_R_Blow_DPI               ? 
_refine.pdbx_TLS_residual_ADP_flag               ? 
_refine.pdbx_diffrn_id                           1 
_refine.overall_SU_B                             ? 
_refine.overall_SU_ML                            0.0642 
_refine.overall_SU_R_Cruickshank_DPI             ? 
_refine.overall_SU_R_free                        ? 
_refine.overall_FOM_free_R_set                   ? 
_refine.overall_FOM_work_R_set                   ? 
_refine.pdbx_average_fsc_overall                 ? 
_refine.pdbx_average_fsc_work                    ? 
_refine.pdbx_average_fsc_free                    ? 
# 
_refine_hist.pdbx_refine_id                   'X-RAY DIFFRACTION' 
_refine_hist.cycle_id                         LAST 
_refine_hist.details                          ? 
_refine_hist.d_res_high                       1.00 
_refine_hist.d_res_low                        21.59 
_refine_hist.number_atoms_solvent             23 
_refine_hist.number_atoms_total               219 
_refine_hist.number_reflns_all                ? 
_refine_hist.number_reflns_obs                ? 
_refine_hist.number_reflns_R_free             ? 
_refine_hist.number_reflns_R_work             ? 
_refine_hist.R_factor_all                     ? 
_refine_hist.R_factor_obs                     ? 
_refine_hist.R_factor_R_free                  ? 
_refine_hist.R_factor_R_work                  ? 
_refine_hist.pdbx_number_residues_total       ? 
_refine_hist.pdbx_B_iso_mean_ligand           ? 
_refine_hist.pdbx_B_iso_mean_solvent          ? 
_refine_hist.pdbx_number_atoms_protein        196 
_refine_hist.pdbx_number_atoms_nucleic_acid   0 
_refine_hist.pdbx_number_atoms_ligand         0 
_refine_hist.pdbx_number_atoms_lipid          ? 
_refine_hist.pdbx_number_atoms_carb           ? 
_refine_hist.pdbx_pseudo_atom_details         ? 
# 
loop_
_refine_ls_restr.pdbx_refine_id 
_refine_ls_restr.criterion 
_refine_ls_restr.dev_ideal 
_refine_ls_restr.dev_ideal_target 
_refine_ls_restr.number 
_refine_ls_restr.rejects 
_refine_ls_restr.type 
_refine_ls_restr.weight 
_refine_ls_restr.pdbx_restraint_function 
'X-RAY DIFFRACTION' ? 0.0185  ? 221 ? f_bond_d           ? ? 
'X-RAY DIFFRACTION' ? 2.6745  ? 289 ? f_angle_d          ? ? 
'X-RAY DIFFRACTION' ? 0.0989  ? 33  ? f_chiral_restr     ? ? 
'X-RAY DIFFRACTION' ? 0.0185  ? 29  ? f_plane_restr      ? ? 
'X-RAY DIFFRACTION' ? 24.8459 ? 88  ? f_dihedral_angle_d ? ? 
# 
loop_
_refine_ls_shell.pdbx_refine_id 
_refine_ls_shell.d_res_high 
_refine_ls_shell.d_res_low 
_refine_ls_shell.number_reflns_all 
_refine_ls_shell.number_reflns_obs 
_refine_ls_shell.number_reflns_R_free 
_refine_ls_shell.number_reflns_R_work 
_refine_ls_shell.percent_reflns_obs 
_refine_ls_shell.percent_reflns_R_free 
_refine_ls_shell.R_factor_all 
_refine_ls_shell.R_factor_obs 
_refine_ls_shell.R_factor_R_free 
_refine_ls_shell.R_factor_R_free_error 
_refine_ls_shell.R_factor_R_work 
_refine_ls_shell.redundancy_reflns_all 
_refine_ls_shell.redundancy_reflns_obs 
_refine_ls_shell.wR_factor_all 
_refine_ls_shell.wR_factor_obs 
_refine_ls_shell.wR_factor_R_free 
_refine_ls_shell.wR_factor_R_work 
_refine_ls_shell.pdbx_R_complete 
_refine_ls_shell.pdbx_total_number_of_bins_used 
_refine_ls_shell.pdbx_phase_error 
_refine_ls_shell.pdbx_fsc_work 
_refine_ls_shell.pdbx_fsc_free 
'X-RAY DIFFRACTION' 1.00 1.10  . . 82  1430 46.72 . . . 0.3183 . 0.2597 . . . . . . . . . . . 
'X-RAY DIFFRACTION' 1.10 1.26  . . 175 3024 98.73 . . . 0.2121 . 0.1986 . . . . . . . . . . . 
'X-RAY DIFFRACTION' 1.26 1.58  . . 157 3102 99.85 . . . 0.2108 . 0.2017 . . . . . . . . . . . 
'X-RAY DIFFRACTION' 1.58 21.59 . . 180 3140 99.79 . . . 0.1965 . 0.1614 . . . . . . . . . . . 
# 
_struct.entry_id                     8DPY 
_struct.title                        'Synthetic Beta Sheet Macrocycle Stabilized by Hydrogen Bond Surrogates' 
_struct.pdbx_model_details           ? 
_struct.pdbx_formula_weight          ? 
_struct.pdbx_formula_weight_method   ? 
_struct.pdbx_model_type_details      ? 
_struct.pdbx_CASP_flag               N 
# 
_struct_keywords.entry_id        8DPY 
_struct_keywords.text            'Synthetic peptide, beta sheet, DE NOVO PROTEIN' 
_struct_keywords.pdbx_keywords   'DE NOVO PROTEIN' 
# 
loop_
_struct_asym.id 
_struct_asym.pdbx_blank_PDB_chainid_flag 
_struct_asym.pdbx_modified 
_struct_asym.entity_id 
_struct_asym.details 
A N N 1 ? 
B N N 1 ? 
C N N 2 ? 
D N N 2 ? 
# 
_struct_ref.id                         1 
_struct_ref.db_name                    PDB 
_struct_ref.db_code                    8DPY 
_struct_ref.pdbx_db_accession          8DPY 
_struct_ref.pdbx_db_isoform            ? 
_struct_ref.entity_id                  1 
_struct_ref.pdbx_seq_one_letter_code   ? 
_struct_ref.pdbx_align_begin           1 
# 
loop_
_struct_ref_seq.align_id 
_struct_ref_seq.ref_id 
_struct_ref_seq.pdbx_PDB_id_code 
_struct_ref_seq.pdbx_strand_id 
_struct_ref_seq.seq_align_beg 
_struct_ref_seq.pdbx_seq_align_beg_ins_code 
_struct_ref_seq.seq_align_end 
_struct_ref_seq.pdbx_seq_align_end_ins_code 
_struct_ref_seq.pdbx_db_accession 
_struct_ref_seq.db_align_beg 
_struct_ref_seq.pdbx_db_align_beg_ins_code 
_struct_ref_seq.db_align_end 
_struct_ref_seq.pdbx_db_align_end_ins_code 
_struct_ref_seq.pdbx_auth_seq_align_beg 
_struct_ref_seq.pdbx_auth_seq_align_end 
1 1 8DPY A 1 ? 10 ? 8DPY 1 ? 10 ? 1 10 
2 1 8DPY B 1 ? 10 ? 8DPY 1 ? 10 ? 1 10 
# 
loop_
_pdbx_struct_assembly.id 
_pdbx_struct_assembly.details 
_pdbx_struct_assembly.method_details 
_pdbx_struct_assembly.oligomeric_details 
_pdbx_struct_assembly.oligomeric_count 
1 author_defined_assembly ? monomeric 1 
2 author_defined_assembly ? monomeric 1 
# 
loop_
_pdbx_struct_assembly_gen.assembly_id 
_pdbx_struct_assembly_gen.oper_expression 
_pdbx_struct_assembly_gen.asym_id_list 
1 1 A,C 
2 1 B,D 
# 
_pdbx_struct_assembly_auth_evidence.id                     1 
_pdbx_struct_assembly_auth_evidence.assembly_id            1 
_pdbx_struct_assembly_auth_evidence.experimental_support   'NMR Distance Restraints' 
_pdbx_struct_assembly_auth_evidence.details                ? 
# 
_pdbx_struct_oper_list.id                   1 
_pdbx_struct_oper_list.type                 'identity operation' 
_pdbx_struct_oper_list.name                 1_555 
_pdbx_struct_oper_list.symmetry_operation   x,y,z 
_pdbx_struct_oper_list.matrix[1][1]         1.0000000000 
_pdbx_struct_oper_list.matrix[1][2]         0.0000000000 
_pdbx_struct_oper_list.matrix[1][3]         0.0000000000 
_pdbx_struct_oper_list.vector[1]            0.0000000000 
_pdbx_struct_oper_list.matrix[2][1]         0.0000000000 
_pdbx_struct_oper_list.matrix[2][2]         1.0000000000 
_pdbx_struct_oper_list.matrix[2][3]         0.0000000000 
_pdbx_struct_oper_list.vector[2]            0.0000000000 
_pdbx_struct_oper_list.matrix[3][1]         0.0000000000 
_pdbx_struct_oper_list.matrix[3][2]         0.0000000000 
_pdbx_struct_oper_list.matrix[3][3]         1.0000000000 
_pdbx_struct_oper_list.vector[3]            0.0000000000 
# 
loop_
_struct_conn.id 
_struct_conn.conn_type_id 
_struct_conn.pdbx_leaving_atom_flag 
_struct_conn.pdbx_PDB_id 
_struct_conn.ptnr1_label_asym_id 
_struct_conn.ptnr1_label_comp_id 
_struct_conn.ptnr1_label_seq_id 
_struct_conn.ptnr1_label_atom_id 
_struct_conn.pdbx_ptnr1_label_alt_id 
_struct_conn.pdbx_ptnr1_PDB_ins_code 
_struct_conn.pdbx_ptnr1_standard_comp_id 
_struct_conn.ptnr1_symmetry 
_struct_conn.ptnr2_label_asym_id 
_struct_conn.ptnr2_label_comp_id 
_struct_conn.ptnr2_label_seq_id 
_struct_conn.ptnr2_label_atom_id 
_struct_conn.pdbx_ptnr2_label_alt_id 
_struct_conn.pdbx_ptnr2_PDB_ins_code 
_struct_conn.ptnr1_auth_asym_id 
_struct_conn.ptnr1_auth_comp_id 
_struct_conn.ptnr1_auth_seq_id 
_struct_conn.ptnr2_auth_asym_id 
_struct_conn.ptnr2_auth_comp_id 
_struct_conn.ptnr2_auth_seq_id 
_struct_conn.ptnr2_symmetry 
_struct_conn.pdbx_ptnr3_label_atom_id 
_struct_conn.pdbx_ptnr3_label_seq_id 
_struct_conn.pdbx_ptnr3_label_comp_id 
_struct_conn.pdbx_ptnr3_label_asym_id 
_struct_conn.pdbx_ptnr3_label_alt_id 
_struct_conn.pdbx_ptnr3_PDB_ins_code 
_struct_conn.details 
_struct_conn.pdbx_dist_value 
_struct_conn.pdbx_value_order 
_struct_conn.pdbx_role 
covale1 covale both ? A THR 1 N ? ? ? 1_555 A T7H 10 C ? ? A THR 1 A T7H 10 1_555 ? ? ? ? ? ? ? 1.444 ? ? 
covale2 covale both ? A VAL 4 C ? ? ? 1_555 A T7C 5  N ? ? A VAL 4 A T7C 5  1_555 ? ? ? ? ? ? ? 1.453 ? ? 
covale3 covale both ? A T7C 5 C ? ? ? 1_555 A THR 6  N ? ? A T7C 5 A THR 6  1_555 ? ? ? ? ? ? ? 1.448 ? ? 
covale4 covale both ? A THR 9 C ? ? ? 1_555 A T7H 10 N ? ? A THR 9 A T7H 10 1_555 ? ? ? ? ? ? ? 1.456 ? ? 
covale5 covale both ? B THR 1 N ? ? ? 1_555 B T7H 10 C ? ? B THR 1 B T7H 10 1_555 ? ? ? ? ? ? ? 1.453 ? ? 
covale6 covale both ? B VAL 4 C ? ? ? 1_555 B T7C 5  N ? ? B VAL 4 B T7C 5  1_555 ? ? ? ? ? ? ? 1.473 ? ? 
covale7 covale both ? B T7C 5 C ? ? ? 1_555 B THR 6  N ? ? B T7C 5 B THR 6  1_555 ? ? ? ? ? ? ? 1.440 ? ? 
covale8 covale both ? B THR 9 C ? ? ? 1_555 B T7H 10 N ? ? B THR 9 B T7H 10 1_555 ? ? ? ? ? ? ? 1.469 ? ? 
# 
_struct_conn_type.id          covale 
_struct_conn_type.criteria    ? 
_struct_conn_type.reference   ? 
# 
loop_
_pdbx_modification_feature.ordinal 
_pdbx_modification_feature.label_comp_id 
_pdbx_modification_feature.label_asym_id 
_pdbx_modification_feature.label_seq_id 
_pdbx_modification_feature.label_alt_id 
_pdbx_modification_feature.modified_residue_label_comp_id 
_pdbx_modification_feature.modified_residue_label_asym_id 
_pdbx_modification_feature.modified_residue_label_seq_id 
_pdbx_modification_feature.modified_residue_label_alt_id 
_pdbx_modification_feature.auth_comp_id 
_pdbx_modification_feature.auth_asym_id 
_pdbx_modification_feature.auth_seq_id 
_pdbx_modification_feature.PDB_ins_code 
_pdbx_modification_feature.symmetry 
_pdbx_modification_feature.modified_residue_auth_comp_id 
_pdbx_modification_feature.modified_residue_auth_asym_id 
_pdbx_modification_feature.modified_residue_auth_seq_id 
_pdbx_modification_feature.modified_residue_PDB_ins_code 
_pdbx_modification_feature.modified_residue_symmetry 
_pdbx_modification_feature.comp_id_linking_atom 
_pdbx_modification_feature.modified_residue_id_linking_atom 
_pdbx_modification_feature.modified_residue_id 
_pdbx_modification_feature.ref_pcm_id 
_pdbx_modification_feature.ref_comp_id 
_pdbx_modification_feature.type 
_pdbx_modification_feature.category 
1 T7C A 5  ? .   . .  . T7C A 5  ? 1_555 .   . .  . .     . . ? 1 T7C None 'Non-standard residue' 
2 T7H A 10 ? .   . .  . T7H A 10 ? 1_555 .   . .  . .     . . ? 1 T7H None 'Non-standard residue' 
3 T7C B 5  ? .   . .  . T7C B 5  ? 1_555 .   . .  . .     . . ? 1 T7C None 'Non-standard residue' 
4 T7H B 10 ? .   . .  . T7H B 10 ? 1_555 .   . .  . .     . . ? 1 T7H None 'Non-standard residue' 
5 THR A 1  ? T7H A 10 ? THR A 1  ? 1_555 T7H A 10 ? 1_555 N C . . .   None 'Non-standard linkage' 
6 THR B 1  ? T7H B 10 ? THR B 1  ? 1_555 T7H B 10 ? 1_555 N C . . .   None 'Non-standard linkage' 
# 
_pdbx_entry_details.entry_id                   8DPY 
_pdbx_entry_details.has_ligand_of_interest     Y 
_pdbx_entry_details.compound_details           ? 
_pdbx_entry_details.source_details             ? 
_pdbx_entry_details.nonpolymer_details         ? 
_pdbx_entry_details.sequence_details           ? 
_pdbx_entry_details.has_protein_modification   Y 
# 
loop_
_pdbx_validate_close_contact.id 
_pdbx_validate_close_contact.PDB_model_num 
_pdbx_validate_close_contact.auth_atom_id_1 
_pdbx_validate_close_contact.auth_asym_id_1 
_pdbx_validate_close_contact.auth_comp_id_1 
_pdbx_validate_close_contact.auth_seq_id_1 
_pdbx_validate_close_contact.PDB_ins_code_1 
_pdbx_validate_close_contact.label_alt_id_1 
_pdbx_validate_close_contact.auth_atom_id_2 
_pdbx_validate_close_contact.auth_asym_id_2 
_pdbx_validate_close_contact.auth_comp_id_2 
_pdbx_validate_close_contact.auth_seq_id_2 
_pdbx_validate_close_contact.PDB_ins_code_2 
_pdbx_validate_close_contact.label_alt_id_2 
_pdbx_validate_close_contact.dist 
1 1 OE2 A GLU 8 ? A O A HOH 101 ? ? 2.12 
2 1 OE1 A GLU 8 ? A O A HOH 102 ? ? 2.15 
# 
loop_
_pdbx_validate_rmsd_angle.id 
_pdbx_validate_rmsd_angle.PDB_model_num 
_pdbx_validate_rmsd_angle.auth_atom_id_1 
_pdbx_validate_rmsd_angle.auth_asym_id_1 
_pdbx_validate_rmsd_angle.auth_comp_id_1 
_pdbx_validate_rmsd_angle.auth_seq_id_1 
_pdbx_validate_rmsd_angle.PDB_ins_code_1 
_pdbx_validate_rmsd_angle.label_alt_id_1 
_pdbx_validate_rmsd_angle.auth_atom_id_2 
_pdbx_validate_rmsd_angle.auth_asym_id_2 
_pdbx_validate_rmsd_angle.auth_comp_id_2 
_pdbx_validate_rmsd_angle.auth_seq_id_2 
_pdbx_validate_rmsd_angle.PDB_ins_code_2 
_pdbx_validate_rmsd_angle.label_alt_id_2 
_pdbx_validate_rmsd_angle.auth_atom_id_3 
_pdbx_validate_rmsd_angle.auth_asym_id_3 
_pdbx_validate_rmsd_angle.auth_comp_id_3 
_pdbx_validate_rmsd_angle.auth_seq_id_3 
_pdbx_validate_rmsd_angle.PDB_ins_code_3 
_pdbx_validate_rmsd_angle.label_alt_id_3 
_pdbx_validate_rmsd_angle.angle_value 
_pdbx_validate_rmsd_angle.angle_target_value 
_pdbx_validate_rmsd_angle.angle_deviation 
_pdbx_validate_rmsd_angle.angle_standard_deviation 
_pdbx_validate_rmsd_angle.linker_flag 
1 1 CA A T7C 5 ? ? C A T7C 5 ? ? N A THR 6 ? ? 96.82  117.20 -20.38 2.20 Y 
2 1 CA B VAL 4 ? ? C B VAL 4 ? ? N B T7C 5 ? ? 142.23 117.20 25.03  2.20 Y 
3 1 O  B VAL 4 ? ? C B VAL 4 ? ? N B T7C 5 ? ? 88.56  122.70 -34.14 1.60 Y 
4 1 CA B T7C 5 ? ? C B T7C 5 ? ? N B THR 6 ? ? 78.72  117.20 -38.48 2.20 Y 
# 
loop_
_pdbx_validate_peptide_omega.id 
_pdbx_validate_peptide_omega.PDB_model_num 
_pdbx_validate_peptide_omega.auth_comp_id_1 
_pdbx_validate_peptide_omega.auth_asym_id_1 
_pdbx_validate_peptide_omega.auth_seq_id_1 
_pdbx_validate_peptide_omega.PDB_ins_code_1 
_pdbx_validate_peptide_omega.label_alt_id_1 
_pdbx_validate_peptide_omega.auth_comp_id_2 
_pdbx_validate_peptide_omega.auth_asym_id_2 
_pdbx_validate_peptide_omega.auth_seq_id_2 
_pdbx_validate_peptide_omega.PDB_ins_code_2 
_pdbx_validate_peptide_omega.label_alt_id_2 
_pdbx_validate_peptide_omega.omega 
1 1 T7C A 5 ? ? THR A 6 ? ? -142.41 
2 1 T7C B 5 ? ? THR B 6 ? A -131.67 
3 1 T7C B 5 ? ? THR B 6 ? B -131.73 
# 
loop_
_pdbx_validate_main_chain_plane.id 
_pdbx_validate_main_chain_plane.PDB_model_num 
_pdbx_validate_main_chain_plane.auth_comp_id 
_pdbx_validate_main_chain_plane.auth_asym_id 
_pdbx_validate_main_chain_plane.auth_seq_id 
_pdbx_validate_main_chain_plane.PDB_ins_code 
_pdbx_validate_main_chain_plane.label_alt_id 
_pdbx_validate_main_chain_plane.improper_torsion_angle 
1 1 T7C A 5 ? ? 18.00 
2 1 VAL B 4 ? ? 28.13 
3 1 T7C B 5 ? ? 19.86 
# 
loop_
_pdbx_struct_special_symmetry.id 
_pdbx_struct_special_symmetry.PDB_model_num 
_pdbx_struct_special_symmetry.auth_asym_id 
_pdbx_struct_special_symmetry.auth_comp_id 
_pdbx_struct_special_symmetry.auth_seq_id 
_pdbx_struct_special_symmetry.PDB_ins_code 
_pdbx_struct_special_symmetry.label_asym_id 
_pdbx_struct_special_symmetry.label_comp_id 
_pdbx_struct_special_symmetry.label_seq_id 
1 1 A HOH 103 ? C HOH . 
2 1 B HOH 111 ? D HOH . 
# 
loop_
_space_group_symop.id 
_space_group_symop.operation_xyz 
1 x,y,z         
2 x-y,x,z+1/3   
3 y,-x+y,z+2/3  
4 -y,x-y,z+2/3  
5 -x+y,-x,z+1/3 
6 -x,-y,z       
# 
loop_
_chem_comp_atom.comp_id 
_chem_comp_atom.atom_id 
_chem_comp_atom.type_symbol 
_chem_comp_atom.pdbx_aromatic_flag 
_chem_comp_atom.pdbx_stereo_config 
_chem_comp_atom.pdbx_ordinal 
ARG N    N N N 1   
ARG CA   C N S 2   
ARG C    C N N 3   
ARG O    O N N 4   
ARG CB   C N N 5   
ARG CG   C N N 6   
ARG CD   C N N 7   
ARG NE   N N N 8   
ARG CZ   C N N 9   
ARG NH1  N N N 10  
ARG NH2  N N N 11  
ARG OXT  O N N 12  
ARG H    H N N 13  
ARG H2   H N N 14  
ARG HA   H N N 15  
ARG HB2  H N N 16  
ARG HB3  H N N 17  
ARG HG2  H N N 18  
ARG HG3  H N N 19  
ARG HD2  H N N 20  
ARG HD3  H N N 21  
ARG HE   H N N 22  
ARG HH11 H N N 23  
ARG HH12 H N N 24  
ARG HH21 H N N 25  
ARG HH22 H N N 26  
ARG HXT  H N N 27  
GLU N    N N N 28  
GLU CA   C N S 29  
GLU C    C N N 30  
GLU O    O N N 31  
GLU CB   C N N 32  
GLU CG   C N N 33  
GLU CD   C N N 34  
GLU OE1  O N N 35  
GLU OE2  O N N 36  
GLU OXT  O N N 37  
GLU H    H N N 38  
GLU H2   H N N 39  
GLU HA   H N N 40  
GLU HB2  H N N 41  
GLU HB3  H N N 42  
GLU HG2  H N N 43  
GLU HG3  H N N 44  
GLU HE2  H N N 45  
GLU HXT  H N N 46  
HOH O    O N N 47  
HOH H1   H N N 48  
HOH H2   H N N 49  
T7C C12  C N N 50  
T7C CA   C N N 51  
T7C C13  C N N 52  
T7C C1   C N N 53  
T7C C2   C N N 54  
T7C C    C N N 55  
T7C C4   C N N 56  
T7C N1   N N N 57  
T7C N    N N N 58  
T7C O    O N N 59  
T7C O5   O N N 60  
T7C S1   S N N 61  
T7C HA2  H N N 62  
T7C HA3  H N N 63  
T7C H3   H N N 64  
T7C H4   H N N 65  
T7C H5   H N N 66  
T7C H6   H N N 67  
T7C H7   H N N 68  
T7C H8   H N N 69  
T7C H11  H N N 70  
T7C H12  H N N 71  
T7C H13  H N N 72  
T7C H14  H N N 73  
T7C H    H N N 74  
T7C OXT  O N N 75  
T7C HXT  H N N 76  
T7H C12  C N N 77  
T7H C13  C N N 78  
T7H CA   C N N 79  
T7H C1   C N N 80  
T7H C2   C N N 81  
T7H C    C N N 82  
T7H C4   C N N 83  
T7H N    N N N 84  
T7H O    O N N 85  
T7H O2   O N N 86  
T7H O5   O N N 87  
T7H S1   S N N 88  
T7H OXT  O N N 89  
T7H H1   H N N 90  
T7H H11  H N N 91  
T7H HA2  H N N 92  
T7H HA3  H N N 93  
T7H H5   H N N 94  
T7H H6   H N N 95  
T7H H7   H N N 96  
T7H H8   H N N 97  
T7H H9   H N N 98  
T7H H10  H N N 99  
T7H H    H N N 100 
T7H H13  H N N 101 
T7H HXT  H N N 102 
THR N    N N N 103 
THR CA   C N S 104 
THR C    C N N 105 
THR O    O N N 106 
THR CB   C N R 107 
THR OG1  O N N 108 
THR CG2  C N N 109 
THR OXT  O N N 110 
THR H    H N N 111 
THR H2   H N N 112 
THR HA   H N N 113 
THR HB   H N N 114 
THR HG1  H N N 115 
THR HG21 H N N 116 
THR HG22 H N N 117 
THR HG23 H N N 118 
THR HXT  H N N 119 
TRP N    N N N 120 
TRP CA   C N S 121 
TRP C    C N N 122 
TRP O    O N N 123 
TRP CB   C N N 124 
TRP CG   C Y N 125 
TRP CD1  C Y N 126 
TRP CD2  C Y N 127 
TRP NE1  N Y N 128 
TRP CE2  C Y N 129 
TRP CE3  C Y N 130 
TRP CZ2  C Y N 131 
TRP CZ3  C Y N 132 
TRP CH2  C Y N 133 
TRP OXT  O N N 134 
TRP H    H N N 135 
TRP H2   H N N 136 
TRP HA   H N N 137 
TRP HB2  H N N 138 
TRP HB3  H N N 139 
TRP HD1  H N N 140 
TRP HE1  H N N 141 
TRP HE3  H N N 142 
TRP HZ2  H N N 143 
TRP HZ3  H N N 144 
TRP HH2  H N N 145 
TRP HXT  H N N 146 
TYR N    N N N 147 
TYR CA   C N S 148 
TYR C    C N N 149 
TYR O    O N N 150 
TYR CB   C N N 151 
TYR CG   C Y N 152 
TYR CD1  C Y N 153 
TYR CD2  C Y N 154 
TYR CE1  C Y N 155 
TYR CE2  C Y N 156 
TYR CZ   C Y N 157 
TYR OH   O N N 158 
TYR OXT  O N N 159 
TYR H    H N N 160 
TYR H2   H N N 161 
TYR HA   H N N 162 
TYR HB2  H N N 163 
TYR HB3  H N N 164 
TYR HD1  H N N 165 
TYR HD2  H N N 166 
TYR HE1  H N N 167 
TYR HE2  H N N 168 
TYR HH   H N N 169 
TYR HXT  H N N 170 
VAL N    N N N 171 
VAL CA   C N S 172 
VAL C    C N N 173 
VAL O    O N N 174 
VAL CB   C N N 175 
VAL CG1  C N N 176 
VAL CG2  C N N 177 
VAL OXT  O N N 178 
VAL H    H N N 179 
VAL H2   H N N 180 
VAL HA   H N N 181 
VAL HB   H N N 182 
VAL HG11 H N N 183 
VAL HG12 H N N 184 
VAL HG13 H N N 185 
VAL HG21 H N N 186 
VAL HG22 H N N 187 
VAL HG23 H N N 188 
VAL HXT  H N N 189 
# 
loop_
_chem_comp_bond.comp_id 
_chem_comp_bond.atom_id_1 
_chem_comp_bond.atom_id_2 
_chem_comp_bond.value_order 
_chem_comp_bond.pdbx_aromatic_flag 
_chem_comp_bond.pdbx_stereo_config 
_chem_comp_bond.pdbx_ordinal 
ARG N   CA   sing N N 1   
ARG N   H    sing N N 2   
ARG N   H2   sing N N 3   
ARG CA  C    sing N N 4   
ARG CA  CB   sing N N 5   
ARG CA  HA   sing N N 6   
ARG C   O    doub N N 7   
ARG C   OXT  sing N N 8   
ARG CB  CG   sing N N 9   
ARG CB  HB2  sing N N 10  
ARG CB  HB3  sing N N 11  
ARG CG  CD   sing N N 12  
ARG CG  HG2  sing N N 13  
ARG CG  HG3  sing N N 14  
ARG CD  NE   sing N N 15  
ARG CD  HD2  sing N N 16  
ARG CD  HD3  sing N N 17  
ARG NE  CZ   sing N N 18  
ARG NE  HE   sing N N 19  
ARG CZ  NH1  sing N N 20  
ARG CZ  NH2  doub N N 21  
ARG NH1 HH11 sing N N 22  
ARG NH1 HH12 sing N N 23  
ARG NH2 HH21 sing N N 24  
ARG NH2 HH22 sing N N 25  
ARG OXT HXT  sing N N 26  
GLU N   CA   sing N N 27  
GLU N   H    sing N N 28  
GLU N   H2   sing N N 29  
GLU CA  C    sing N N 30  
GLU CA  CB   sing N N 31  
GLU CA  HA   sing N N 32  
GLU C   O    doub N N 33  
GLU C   OXT  sing N N 34  
GLU CB  CG   sing N N 35  
GLU CB  HB2  sing N N 36  
GLU CB  HB3  sing N N 37  
GLU CG  CD   sing N N 38  
GLU CG  HG2  sing N N 39  
GLU CG  HG3  sing N N 40  
GLU CD  OE1  doub N N 41  
GLU CD  OE2  sing N N 42  
GLU OE2 HE2  sing N N 43  
GLU OXT HXT  sing N N 44  
HOH O   H1   sing N N 45  
HOH O   H2   sing N N 46  
T7C O5  C12  doub N N 47  
T7C C13 C12  sing N N 48  
T7C C13 N    sing N N 49  
T7C C12 N1   sing N N 50  
T7C S1  C1   sing N N 51  
T7C S1  C4   sing N N 52  
T7C C1  CA   sing N N 53  
T7C CA  N    sing N N 54  
T7C C4  C2   sing N N 55  
T7C O   C    doub N N 56  
T7C C2  C    sing N N 57  
T7C CA  HA2  sing N N 58  
T7C CA  HA3  sing N N 59  
T7C C13 H3   sing N N 60  
T7C C13 H4   sing N N 61  
T7C C1  H5   sing N N 62  
T7C C1  H6   sing N N 63  
T7C C2  H7   sing N N 64  
T7C C2  H8   sing N N 65  
T7C C4  H11  sing N N 66  
T7C C4  H12  sing N N 67  
T7C N1  H13  sing N N 68  
T7C N1  H14  sing N N 69  
T7C N   H    sing N N 70  
T7C C   OXT  sing N N 71  
T7C OXT HXT  sing N N 72  
T7H N   CA   sing N N 73  
T7H N   C12  sing N N 74  
T7H CA  C1   sing N N 75  
T7H C12 C13  sing N N 76  
T7H O2  C13  doub N N 77  
T7H C1  S1   sing N N 78  
T7H C13 O5   sing N N 79  
T7H C2  C    sing N N 80  
T7H C2  C4   sing N N 81  
T7H C   O    doub N N 82  
T7H S1  C4   sing N N 83  
T7H C   OXT  sing N N 84  
T7H C12 H1   sing N N 85  
T7H C12 H11  sing N N 86  
T7H CA  HA2  sing N N 87  
T7H CA  HA3  sing N N 88  
T7H C1  H5   sing N N 89  
T7H C1  H6   sing N N 90  
T7H C2  H7   sing N N 91  
T7H C2  H8   sing N N 92  
T7H C4  H9   sing N N 93  
T7H C4  H10  sing N N 94  
T7H N   H    sing N N 95  
T7H O5  H13  sing N N 96  
T7H OXT HXT  sing N N 97  
THR N   CA   sing N N 98  
THR N   H    sing N N 99  
THR N   H2   sing N N 100 
THR CA  C    sing N N 101 
THR CA  CB   sing N N 102 
THR CA  HA   sing N N 103 
THR C   O    doub N N 104 
THR C   OXT  sing N N 105 
THR CB  OG1  sing N N 106 
THR CB  CG2  sing N N 107 
THR CB  HB   sing N N 108 
THR OG1 HG1  sing N N 109 
THR CG2 HG21 sing N N 110 
THR CG2 HG22 sing N N 111 
THR CG2 HG23 sing N N 112 
THR OXT HXT  sing N N 113 
TRP N   CA   sing N N 114 
TRP N   H    sing N N 115 
TRP N   H2   sing N N 116 
TRP CA  C    sing N N 117 
TRP CA  CB   sing N N 118 
TRP CA  HA   sing N N 119 
TRP C   O    doub N N 120 
TRP C   OXT  sing N N 121 
TRP CB  CG   sing N N 122 
TRP CB  HB2  sing N N 123 
TRP CB  HB3  sing N N 124 
TRP CG  CD1  doub Y N 125 
TRP CG  CD2  sing Y N 126 
TRP CD1 NE1  sing Y N 127 
TRP CD1 HD1  sing N N 128 
TRP CD2 CE2  doub Y N 129 
TRP CD2 CE3  sing Y N 130 
TRP NE1 CE2  sing Y N 131 
TRP NE1 HE1  sing N N 132 
TRP CE2 CZ2  sing Y N 133 
TRP CE3 CZ3  doub Y N 134 
TRP CE3 HE3  sing N N 135 
TRP CZ2 CH2  doub Y N 136 
TRP CZ2 HZ2  sing N N 137 
TRP CZ3 CH2  sing Y N 138 
TRP CZ3 HZ3  sing N N 139 
TRP CH2 HH2  sing N N 140 
TRP OXT HXT  sing N N 141 
TYR N   CA   sing N N 142 
TYR N   H    sing N N 143 
TYR N   H2   sing N N 144 
TYR CA  C    sing N N 145 
TYR CA  CB   sing N N 146 
TYR CA  HA   sing N N 147 
TYR C   O    doub N N 148 
TYR C   OXT  sing N N 149 
TYR CB  CG   sing N N 150 
TYR CB  HB2  sing N N 151 
TYR CB  HB3  sing N N 152 
TYR CG  CD1  doub Y N 153 
TYR CG  CD2  sing Y N 154 
TYR CD1 CE1  sing Y N 155 
TYR CD1 HD1  sing N N 156 
TYR CD2 CE2  doub Y N 157 
TYR CD2 HD2  sing N N 158 
TYR CE1 CZ   doub Y N 159 
TYR CE1 HE1  sing N N 160 
TYR CE2 CZ   sing Y N 161 
TYR CE2 HE2  sing N N 162 
TYR CZ  OH   sing N N 163 
TYR OH  HH   sing N N 164 
TYR OXT HXT  sing N N 165 
VAL N   CA   sing N N 166 
VAL N   H    sing N N 167 
VAL N   H2   sing N N 168 
VAL CA  C    sing N N 169 
VAL CA  CB   sing N N 170 
VAL CA  HA   sing N N 171 
VAL C   O    doub N N 172 
VAL C   OXT  sing N N 173 
VAL CB  CG1  sing N N 174 
VAL CB  CG2  sing N N 175 
VAL CB  HB   sing N N 176 
VAL CG1 HG11 sing N N 177 
VAL CG1 HG12 sing N N 178 
VAL CG1 HG13 sing N N 179 
VAL CG2 HG21 sing N N 180 
VAL CG2 HG22 sing N N 181 
VAL CG2 HG23 sing N N 182 
VAL OXT HXT  sing N N 183 
# 
_pdbx_audit_support.funding_organization   
'National Institutes of Health/National Institute of General Medical Sciences (NIH/NIGMS)' 
_pdbx_audit_support.country                'United States' 
_pdbx_audit_support.grant_number           R35GM130333 
_pdbx_audit_support.ordinal                1 
# 
_pdbx_initial_refinement_model.accession_code   ? 
_pdbx_initial_refinement_model.id               1 
_pdbx_initial_refinement_model.entity_id_list   ? 
_pdbx_initial_refinement_model.type             'experimental model' 
_pdbx_initial_refinement_model.source_name      Other 
_pdbx_initial_refinement_model.details          'NMR Solution Structure' 
# 
_space_group.name_H-M_alt     'P 62' 
_space_group.name_Hall        'P 62' 
_space_group.IT_number        171 
_space_group.crystal_system   hexagonal 
_space_group.id               1 
# 
_atom_sites.entry_id                    8DPY 
_atom_sites.Cartn_transf_matrix[1][1]   ? 
_atom_sites.Cartn_transf_matrix[1][2]   ? 
_atom_sites.Cartn_transf_matrix[1][3]   ? 
_atom_sites.Cartn_transf_matrix[2][1]   ? 
_atom_sites.Cartn_transf_matrix[2][2]   ? 
_atom_sites.Cartn_transf_matrix[2][3]   ? 
_atom_sites.Cartn_transf_matrix[3][1]   ? 
_atom_sites.Cartn_transf_matrix[3][2]   ? 
_atom_sites.Cartn_transf_matrix[3][3]   ? 
_atom_sites.Cartn_transf_vector[1]      ? 
_atom_sites.Cartn_transf_vector[2]      ? 
_atom_sites.Cartn_transf_vector[3]      ? 
_atom_sites.fract_transf_matrix[1][1]   0.00124144 
_atom_sites.fract_transf_matrix[1][2]   0.01989045 
_atom_sites.fract_transf_matrix[1][3]   0.01783455 
_atom_sites.fract_transf_matrix[2][1]   0.01684845 
_atom_sites.fract_transf_matrix[2][2]   0.02040438 
_atom_sites.fract_transf_matrix[2][3]   -0.00387719 
_atom_sites.fract_transf_matrix[3][1]   -0.03203832 
_atom_sites.fract_transf_matrix[3][2]   0.02217855 
_atom_sites.fract_transf_matrix[3][3]   -0.02250507 
_atom_sites.fract_transf_vector[1]      -0.297024 
_atom_sites.fract_transf_vector[2]      0.166802 
_atom_sites.fract_transf_vector[3]      0.022810 
_atom_sites.solution_primary            ? 
_atom_sites.solution_secondary          ? 
_atom_sites.solution_hydrogens          ? 
_atom_sites.special_details             ? 
# 
loop_
_atom_type.symbol 
_atom_type.scat_dispersion_real 
_atom_type.scat_dispersion_imag 
_atom_type.scat_Cromer_Mann_a1 
_atom_type.scat_Cromer_Mann_a2 
_atom_type.scat_Cromer_Mann_a3 
_atom_type.scat_Cromer_Mann_a4 
_atom_type.scat_Cromer_Mann_b1 
_atom_type.scat_Cromer_Mann_b2 
_atom_type.scat_Cromer_Mann_b3 
_atom_type.scat_Cromer_Mann_b4 
_atom_type.scat_Cromer_Mann_c 
_atom_type.scat_source 
_atom_type.scat_dispersion_source 
C ? ? 2.51340 1.74867 1.72398 ? 31.80534 0.44561  10.58317 ? 0.0 
;3-Gaussian fit: Grosse-Kunstleve RW, Sauter NK, Adams PD: Newsletter of the IUCr Commission on Crystallographic Computing 2004, 3, 22-31.
;
? 
N ? ? 2.99955 2.25584 1.72788 ? 23.27268 7.45433  0.31622  ? 0.0 
;3-Gaussian fit: Grosse-Kunstleve RW, Sauter NK, Adams PD: Newsletter of the IUCr Commission on Crystallographic Computing 2004, 3, 22-31.
;
? 
O ? ? 4.49882 3.47563 ?       ? 15.80542 1.70748  ?        ? 0.0 
;2-Gaussian fit: Grosse-Kunstleve RW, Sauter NK, Adams PD: Newsletter of the IUCr Commission on Crystallographic Computing 2004, 3, 22-31.
;
? 
S ? ? 9.55732 6.39887 ?       ? 1.23737  29.19336 ?        ? 0.0 
;2-Gaussian fit: Grosse-Kunstleve RW, Sauter NK, Adams PD: Newsletter of the IUCr Commission on Crystallographic Computing 2004, 3, 22-31.
;
? 
# 
loop_
_atom_site.group_PDB 
_atom_site.id 
_atom_site.type_symbol 
_atom_site.label_atom_id 
_atom_site.label_alt_id 
_atom_site.label_comp_id 
_atom_site.label_asym_id 
_atom_site.label_entity_id 
_atom_site.label_seq_id 
_atom_site.pdbx_PDB_ins_code 
_atom_site.Cartn_x 
_atom_site.Cartn_y 
_atom_site.Cartn_z 
_atom_site.occupancy 
_atom_site.B_iso_or_equiv 
_atom_site.pdbx_formal_charge 
_atom_site.auth_seq_id 
_atom_site.auth_comp_id 
_atom_site.auth_asym_id 
_atom_site.auth_atom_id 
_atom_site.pdbx_PDB_model_num 
ATOM   1   N N   . THR A 1 1  ? -2.57713  -3.71359  -1.02678 1.000 7.53876  ? 1   THR A N   1 
ATOM   2   C CA  A THR A 1 1  ? -1.91734  -2.43775  -0.93667 0.698 6.02007  ? 1   THR A CA  1 
ATOM   3   C CA  B THR A 1 1  ? -1.88760  -2.44185  -0.89106 0.302 6.04785  ? 1   THR A CA  1 
ATOM   4   C C   . THR A 1 1  ? -0.41786  -2.71742  -1.07956 1.000 7.07702  ? 1   THR A C   1 
ATOM   5   O O   . THR A 1 1  ? 0.03784   -3.78440  -0.67236 1.000 9.99466  ? 1   THR A O   1 
ATOM   6   C CB  A THR A 1 1  ? -2.27636  -1.75713  0.40914  0.698 7.92170  ? 1   THR A CB  1 
ATOM   7   C CB  B THR A 1 1  ? -2.07663  -1.84706  0.51405  0.302 8.80459  ? 1   THR A CB  1 
ATOM   8   O OG1 A THR A 1 1  ? -1.73822  -0.42615  0.46084  0.698 9.99447  ? 1   THR A OG1 1 
ATOM   9   O OG1 B THR A 1 1  ? -1.55651  -2.74210  1.51284  0.302 12.19288 ? 1   THR A OG1 1 
ATOM   10  C CG2 A THR A 1 1  ? -1.73779  -2.52279  1.61714  0.698 13.22461 ? 1   THR A CG2 1 
ATOM   11  C CG2 B THR A 1 1  ? -3.52089  -1.53972  0.77354  0.302 11.41513 ? 1   THR A CG2 1 
ATOM   12  N N   . TYR A 1 2  ? 0.35265   -1.79770  -1.67198 1.000 6.86461  ? 2   TYR A N   1 
ATOM   13  C CA  . TYR A 1 2  ? 1.78215   -2.04227  -1.84461 1.000 6.91998  ? 2   TYR A CA  1 
ATOM   14  C C   . TYR A 1 2  ? 2.54166   -1.24335  -0.80288 1.000 5.76694  ? 2   TYR A C   1 
ATOM   15  O O   . TYR A 1 2  ? 2.64707   -0.02505  -0.90001 1.000 8.96401  ? 2   TYR A O   1 
ATOM   16  C CB  . TYR A 1 2  ? 2.22386   -1.61633  -3.22935 1.000 6.12209  ? 2   TYR A CB  1 
ATOM   17  C CG  . TYR A 1 2  ? 3.67619   -1.95329  -3.54753 1.000 6.03065  ? 2   TYR A CG  1 
ATOM   18  C CD1 . TYR A 1 2  ? 4.00837   -3.19082  -3.98834 1.000 7.18856  ? 2   TYR A CD1 1 
ATOM   19  C CD2 . TYR A 1 2  ? 4.68581   -1.00948  -3.39489 1.000 7.53293  ? 2   TYR A CD2 1 
ATOM   20  C CE1 . TYR A 1 2  ? 5.31212   -3.49546  -4.31308 1.000 7.49504  ? 2   TYR A CE1 1 
ATOM   21  C CE2 . TYR A 1 2  ? 5.99791   -1.30047  -3.70807 1.000 7.86429  ? 2   TYR A CE2 1 
ATOM   22  C CZ  . TYR A 1 2  ? 6.29675   -2.55341  -4.18857 1.000 7.34045  ? 2   TYR A CZ  1 
ATOM   23  O OH  . TYR A 1 2  ? 7.58675   -2.84810  -4.57590 1.000 7.65656  ? 2   TYR A OH  1 
ATOM   24  N N   . ARG A 1 3  ? 3.04399   -1.93567  0.19907  1.000 6.38736  ? 3   ARG A N   1 
ATOM   25  C CA  . ARG A 1 3  ? 3.69471   -1.28349  1.32705  1.000 7.46657  ? 3   ARG A CA  1 
ATOM   26  C C   . ARG A 1 3  ? 5.20795   -1.30662  1.14546  1.000 6.34535  ? 3   ARG A C   1 
ATOM   27  O O   . ARG A 1 3  ? 5.77990   -2.32895  0.77534  1.000 9.60078  ? 3   ARG A O   1 
ATOM   28  C CB  . ARG A 1 3  ? 3.33000   -1.98253  2.63696  1.000 10.43950 ? 3   ARG A CB  1 
ATOM   29  C CG  . ARG A 1 3  ? 3.95048   -1.28548  3.90418  1.000 16.71558 ? 3   ARG A CG  1 
ATOM   30  C CD  . ARG A 1 3  ? 3.33847   -1.79826  5.24383  1.000 31.92228 ? 3   ARG A CD  1 
ATOM   31  N NE  . ARG A 1 3  ? 1.87807   -1.89274  5.22230  1.000 41.11128 ? 3   ARG A NE  1 
ATOM   32  C CZ  . ARG A 1 3  ? 1.06034   -0.89246  5.53268  1.000 38.76804 ? 3   ARG A CZ  1 
ATOM   33  N NH1 . ARG A 1 3  ? 1.51694   0.22949   6.06832  1.000 35.94688 ? 3   ARG A NH1 1 
ATOM   34  N NH2 . ARG A 1 3  ? -0.25023  -1.02916  5.32622  1.000 36.14523 ? 3   ARG A NH2 1 
ATOM   35  N N   . VAL A 1 4  ? 5.85037   -0.18482  1.43241  1.000 6.88963  ? 4   VAL A N   1 
ATOM   36  C CA  . VAL A 1 4  ? 7.30317   -0.09658  1.42262  1.000 6.76357  ? 4   VAL A CA  1 
ATOM   37  C C   . VAL A 1 4  ? 7.77722   -0.21526  2.84422  1.000 7.57843  ? 4   VAL A C   1 
ATOM   38  O O   . VAL A 1 4  ? 7.33038   0.51940   3.70646  1.000 8.66326  ? 4   VAL A O   1 
ATOM   39  C CB  . VAL A 1 4  ? 7.73754   1.26970   0.80907  1.000 8.55961  ? 4   VAL A CB  1 
ATOM   40  C CG1 . VAL A 1 4  ? 9.23168   1.50453   0.97087  1.000 8.45666  ? 4   VAL A CG1 1 
ATOM   41  C CG2 . VAL A 1 4  ? 7.34916   1.33137   -0.65070 1.000 9.42320  ? 4   VAL A CG2 1 
HETATM 42  C C12 . T7C A 1 5  ? 8.10054   -2.08186  5.34511  1.000 8.60587  ? 5   T7C A C12 1 
HETATM 43  C CA  . T7C A 1 5  ? 9.43046   -2.05542  2.09627  1.000 7.12222  ? 5   T7C A CA  1 
HETATM 44  C C13 . T7C A 1 5  ? 9.16789   -1.42679  4.49119  1.000 8.48670  ? 5   T7C A C13 1 
HETATM 45  C C1  . T7C A 1 5  ? 8.70691   -3.36694  1.91380  1.000 7.84190  ? 5   T7C A C1  1 
HETATM 46  C C2  . T7C A 1 5  ? 8.13560   -3.34600  -1.23117 1.000 7.24554  ? 5   T7C A C2  1 
HETATM 47  C C   . T7C A 1 5  ? 7.39368   -4.61299  -1.43159 1.000 7.68384  ? 5   T7C A C   1 
HETATM 48  C C4  . T7C A 1 5  ? 9.55758   -3.60116  -0.78170 1.000 9.09430  ? 5   T7C A C4  1 
HETATM 49  N N1  . T7C A 1 5  ? 7.05925   -2.78644  4.71352  1.000 11.11142 ? 5   T7C A N1  1 
HETATM 50  N N   . T7C A 1 5  ? 8.76826   -1.24417  3.10864  1.000 7.76516  ? 5   T7C A N   1 
HETATM 51  O O   . T7C A 1 5  ? 7.89432   -5.64479  -2.09941 1.000 8.43097  ? 5   T7C A O   1 
HETATM 52  O O5  . T7C A 1 5  ? 8.19043   -2.04694  6.54721  1.000 15.31043 ? 5   T7C A O5  1 
HETATM 53  S S1  . T7C A 1 5  ? 9.65282   -4.45183  0.79770  1.000 8.07288  ? 5   T7C A S1  1 
ATOM   54  N N   . THR A 1 6  ? 6.09644   -4.76406  -0.80740 1.000 6.75712  ? 6   THR A N   1 
ATOM   55  C CA  . THR A 1 6  ? 5.38658   -6.00472  -0.95753 1.000 7.44366  ? 6   THR A CA  1 
ATOM   56  C C   . THR A 1 6  ? 3.91663   -5.67443  -1.04073 1.000 6.69005  ? 6   THR A C   1 
ATOM   57  O O   . THR A 1 6  ? 3.46837   -4.67592  -0.47228 1.000 7.99086  ? 6   THR A O   1 
ATOM   58  C CB  . THR A 1 6  ? 5.56995   -6.93213  0.27682  1.000 11.86103 ? 6   THR A CB  1 
ATOM   59  O OG1 . THR A 1 6  ? 5.13802   -6.20886  1.44055  1.000 17.00643 ? 6   THR A OG1 1 
ATOM   60  C CG2 . THR A 1 6  ? 6.98686   -7.37977  0.46384  1.000 15.29617 ? 6   THR A CG2 1 
ATOM   61  N N   . TRP A 1 7  ? 3.16590   -6.51660  -1.74768 1.000 8.07811  ? 7   TRP A N   1 
ATOM   62  C CA  . TRP A 1 7  ? 1.71563   -6.40360  -1.72312 1.000 7.02689  ? 7   TRP A CA  1 
ATOM   63  C C   . TRP A 1 7  ? 1.19272   -7.05593  -0.44789 1.000 7.99580  ? 7   TRP A C   1 
ATOM   64  O O   . TRP A 1 7  ? 1.63977   -8.14074  -0.04796 1.000 9.72429  ? 7   TRP A O   1 
ATOM   65  C CB  . TRP A 1 7  ? 1.09640   -7.07718  -2.95101 1.000 7.92868  ? 7   TRP A CB  1 
ATOM   66  C CG  . TRP A 1 7  ? 1.42976   -6.29551  -4.19683 1.000 9.32509  ? 7   TRP A CG  1 
ATOM   67  C CD1 . TRP A 1 7  ? 2.48386   -6.50194  -5.05512 1.000 9.63152  ? 7   TRP A CD1 1 
ATOM   68  C CD2 . TRP A 1 7  ? 0.72319   -5.15871  -4.70595 1.000 8.54232  ? 7   TRP A CD2 1 
ATOM   69  N NE1 . TRP A 1 7  ? 2.47083   -5.55417  -6.05602 1.000 10.37491 ? 7   TRP A NE1 1 
ATOM   70  C CE2 . TRP A 1 7  ? 1.40491   -4.71755  -5.85751 1.000 8.69149  ? 7   TRP A CE2 1 
ATOM   71  C CE3 . TRP A 1 7  ? -0.38649  -4.43765  -4.27110 1.000 8.89833  ? 7   TRP A CE3 1 
ATOM   72  C CZ2 . TRP A 1 7  ? 0.99087   -3.59288  -6.58708 1.000 10.41128 ? 7   TRP A CZ2 1 
ATOM   73  C CZ3 . TRP A 1 7  ? -0.81095  -3.32181  -5.01653 1.000 10.11162 ? 7   TRP A CZ3 1 
ATOM   74  C CH2 . TRP A 1 7  ? -0.13008  -2.92588  -6.16147 1.000 10.88949 ? 7   TRP A CH2 1 
ATOM   75  N N   . GLU A 1 8  ? 0.24018   -6.39750  0.19539  1.000 7.39737  ? 8   GLU A N   1 
ATOM   76  C CA  A GLU A 1 8  ? -0.20281  -6.76747  1.53115  0.477 9.59579  ? 8   GLU A CA  1 
ATOM   77  C CA  B GLU A 1 8  ? -0.21153  -6.81992  1.51386  0.523 9.56185  ? 8   GLU A CA  1 
ATOM   78  C C   . GLU A 1 8  ? -1.71491  -6.60305  1.64041  1.000 7.28405  ? 8   GLU A C   1 
ATOM   79  O O   . GLU A 1 8  ? -2.36108  -5.93995  0.81841  1.000 8.32241  ? 8   GLU A O   1 
ATOM   80  C CB  A GLU A 1 8  ? 0.46411   -5.86694  2.59488  0.477 13.10363 ? 8   GLU A CB  1 
ATOM   81  C CB  B GLU A 1 8  ? 0.43572   -6.01356  2.65875  0.523 13.15900 ? 8   GLU A CB  1 
ATOM   82  C CG  A GLU A 1 8  ? 1.96726   -6.02327  2.69627  0.477 12.26961 ? 8   GLU A CG  1 
ATOM   83  C CG  B GLU A 1 8  ? 1.92313   -6.17776  2.88478  0.523 12.50231 ? 8   GLU A CG  1 
ATOM   84  C CD  A GLU A 1 8  ? 2.37201   -7.39013  3.22838  0.477 18.41606 ? 8   GLU A CD  1 
ATOM   85  C CD  B GLU A 1 8  ? 2.40937   -5.27881  4.02421  0.523 23.74020 ? 8   GLU A CD  1 
ATOM   86  O OE1 A GLU A 1 8  ? 1.61097   -7.99213  4.01646  0.477 23.04993 ? 8   GLU A OE1 1 
ATOM   87  O OE1 B GLU A 1 8  ? 1.61436   -4.41437  4.47032  0.523 25.14805 ? 8   GLU A OE1 1 
ATOM   88  O OE2 A GLU A 1 8  ? 3.46050   -7.86788  2.85755  0.477 23.48955 ? 8   GLU A OE2 1 
ATOM   89  O OE2 B GLU A 1 8  ? 3.55691   -5.45875  4.50463  0.523 28.95896 ? 8   GLU A OE2 1 
ATOM   90  N N   . THR A 1 9  ? -2.26685  -7.19447  2.70308  1.000 9.27377  ? 9   THR A N   1 
ATOM   91  C CA  A THR A 1 9  ? -3.68134  -7.04555  3.01001  0.307 9.34070  ? 9   THR A CA  1 
ATOM   92  C CA  B THR A 1 9  ? -3.65433  -7.07991  3.07766  0.693 9.23205  ? 9   THR A CA  1 
ATOM   93  C C   . THR A 1 9  ? -3.98443  -5.58761  3.15075  1.000 9.50478  ? 9   THR A C   1 
ATOM   94  O O   . THR A 1 9  ? -3.23137  -4.80114  3.71950  1.000 13.08181 ? 9   THR A O   1 
ATOM   95  C CB  A THR A 1 9  ? -4.07188  -7.68538  4.33307  0.307 11.60789 ? 9   THR A CB  1 
ATOM   96  C CB  B THR A 1 9  ? -3.82515  -7.70799  4.46540  0.693 11.02451 ? 9   THR A CB  1 
ATOM   97  O OG1 A THR A 1 9  ? -3.63215  -6.85361  5.40653  0.307 14.29428 ? 9   THR A OG1 1 
ATOM   98  O OG1 B THR A 1 9  ? -3.39248  -9.08095  4.40389  0.693 13.93537 ? 9   THR A OG1 1 
ATOM   99  C CG2 A THR A 1 9  ? -3.41200  -8.99212  4.46924  0.307 13.64962 ? 9   THR A CG2 1 
ATOM   100 C CG2 B THR A 1 9  ? -5.26095  -7.69516  4.84650  0.693 10.79467 ? 9   THR A CG2 1 
HETATM 101 C C12 . T7H A 1 10 ? -5.43308  -3.72760  2.65726  1.000 12.22251 ? 10  T7H A C12 1 
HETATM 102 C C13 . T7H A 1 10 ? -6.56128  -3.37616  3.59797  1.000 51.80542 ? 10  T7H A C13 1 
HETATM 103 C CA  . T7H A 1 10 ? -6.22175  -5.99978  1.88871  1.000 11.02589 ? 10  T7H A CA  1 
HETATM 104 C C1  . T7H A 1 10 ? -5.81794  -6.25186  0.44758  1.000 9.03463  ? 10  T7H A C1  1 
HETATM 105 C C2  . T7H A 1 10 ? -4.10219  -5.38646  -2.35179 1.000 9.22126  ? 10  T7H A C2  1 
HETATM 106 C C   . T7H A 1 10 ? -3.55950  -3.98038  -2.05060 1.000 8.96561  ? 10  T7H A C   1 
HETATM 107 C C4  . T7H A 1 10 ? -5.61488  -5.38174  -2.23712 1.000 9.74022  ? 10  T7H A C4  1 
HETATM 108 N N   . T7H A 1 10 ? -5.24332  -5.16036  2.55672  1.000 10.73056 ? 10  T7H A N   1 
HETATM 109 O O   . T7H A 1 10 ? -3.87839  -3.02774  -2.92721 1.000 9.67735  ? 10  T7H A O   1 
HETATM 110 O O2  . T7H A 1 10 ? -7.05739  -4.27107  4.32008  1.000 63.60228 ? 10  T7H A O2  1 
HETATM 111 O O5  . T7H A 1 10 ? -6.97676  -2.19253  3.64838  1.000 50.94834 ? 10  T7H A O5  1 
HETATM 112 S S1  . T7H A 1 10 ? -6.18286  -4.82211  -0.61510 1.000 9.41402  ? 10  T7H A S1  1 
ATOM   113 N N   . THR B 1 1  ? 2.59248   3.56268   1.76164  1.000 8.13020  ? 1   THR B N   1 
ATOM   114 C CA  A THR B 1 1  ? 2.05575   2.50335   0.96591  0.396 7.38518  ? 1   THR B CA  1 
ATOM   115 C CA  B THR B 1 1  ? 1.91340   2.53072   1.01558  0.604 7.12577  ? 1   THR B CA  1 
ATOM   116 C C   . THR B 1 1  ? 1.24807   3.13628   -0.17173 1.000 7.78826  ? 1   THR B C   1 
ATOM   117 O O   . THR B 1 1  ? 0.78300   4.28228   -0.06584 1.000 10.36893 ? 1   THR B O   1 
ATOM   118 C CB  A THR B 1 1  ? 1.19653   1.56452   1.85173  0.396 10.62999 ? 1   THR B CB  1 
ATOM   119 C CB  B THR B 1 1  ? 0.76859   1.91585   1.81346  0.604 8.80377  ? 1   THR B CB  1 
ATOM   120 O OG1 A THR B 1 1  ? 0.67056   0.48877   1.07850  0.396 9.94901  ? 1   THR B OG1 1 
ATOM   121 O OG1 B THR B 1 1  ? -0.15788  2.93959   2.18179  0.604 14.55369 ? 1   THR B OG1 1 
ATOM   122 C CG2 A THR B 1 1  ? 0.02895   2.30495   2.46807  0.396 12.41958 ? 1   THR B CG2 1 
ATOM   123 C CG2 B THR B 1 1  ? 1.27549   1.23466   3.03182  0.604 12.78476 ? 1   THR B CG2 1 
ATOM   124 N N   . TYR B 1 2  ? 1.10509   2.36463   -1.24650 1.000 7.28818  ? 2   TYR B N   1 
ATOM   125 C CA  . TYR B 1 2  ? 0.17102   2.73292   -2.30508 1.000 6.27942  ? 2   TYR B CA  1 
ATOM   126 C C   . TYR B 1 2  ? -1.14174  2.05288   -1.96616 1.000 7.00341  ? 2   TYR B C   1 
ATOM   127 O O   . TYR B 1 2  ? -1.22186  0.81552   -1.89384 1.000 7.69729  ? 2   TYR B O   1 
ATOM   128 C CB  . TYR B 1 2  ? 0.62843   2.23573   -3.65817 1.000 7.13993  ? 2   TYR B CB  1 
ATOM   129 C CG  . TYR B 1 2  ? 1.77388   2.97659   -4.28679 1.000 7.29473  ? 2   TYR B CG  1 
ATOM   130 C CD1 . TYR B 1 2  ? 3.08437   2.62495   -4.01562 1.000 7.16696  ? 2   TYR B CD1 1 
ATOM   131 C CD2 . TYR B 1 2  ? 1.54067   3.99548   -5.20808 1.000 7.24642  ? 2   TYR B CD2 1 
ATOM   132 C CE1 . TYR B 1 2  ? 4.13464   3.29413   -4.60739 1.000 7.32356  ? 2   TYR B CE1 1 
ATOM   133 C CE2 . TYR B 1 2  ? 2.59693   4.65080   -5.82602 1.000 7.34635  ? 2   TYR B CE2 1 
ATOM   134 C CZ  . TYR B 1 2  ? 3.88671   4.29459   -5.53788 1.000 6.90978  ? 2   TYR B CZ  1 
ATOM   135 O OH  . TYR B 1 2  ? 4.92619   4.91606   -6.17929 1.000 8.48472  ? 2   TYR B OH  1 
ATOM   136 N N   . ARG B 1 3  ? -2.17578  2.87138   -1.75891 1.000 7.58252  ? 3   ARG B N   1 
ATOM   137 C CA  . ARG B 1 3  ? -3.54220  2.42216   -1.54203 1.000 8.70370  ? 3   ARG B CA  1 
ATOM   138 C C   . ARG B 1 3  ? -4.32806  2.57207   -2.83685 1.000 8.90039  ? 3   ARG B C   1 
ATOM   139 O O   . ARG B 1 3  ? -4.34449  3.65959   -3.44127 1.000 9.67005  ? 3   ARG B O   1 
ATOM   140 C CB  . ARG B 1 3  ? -4.22975  3.28818   -0.48957 1.000 13.14774 ? 3   ARG B CB  1 
ATOM   141 C CG  . ARG B 1 3  ? -3.63384  3.19143   0.89411  1.000 29.61497 ? 3   ARG B CG  1 
ATOM   142 C CD  . ARG B 1 3  ? -4.10207  1.87805   1.49404  1.000 30.19750 ? 3   ARG B CD  1 
ATOM   143 N NE  . ARG B 1 3  ? -3.58012  1.56926   2.82004  1.000 37.16227 ? 3   ARG B NE  1 
ATOM   144 C CZ  . ARG B 1 3  ? -4.00681  0.54510   3.54987  1.000 43.63462 ? 3   ARG B CZ  1 
ATOM   145 N NH1 . ARG B 1 3  ? -5.04258  -0.19153  3.16675  1.000 36.44271 ? 3   ARG B NH1 1 
ATOM   146 N NH2 . ARG B 1 3  ? -3.39380  0.26439   4.70192  1.000 48.83075 ? 3   ARG B NH2 1 
ATOM   147 N N   . VAL B 1 4  ? -4.99367  1.49073   -3.26685 1.000 11.21610 ? 4   VAL B N   1 
ATOM   148 C CA  . VAL B 1 4  ? -5.58144  1.49128   -4.61097 1.000 12.18578 ? 4   VAL B CA  1 
ATOM   149 C C   . VAL B 1 4  ? -6.99998  2.03978   -4.47434 1.000 19.24965 ? 4   VAL B C   1 
ATOM   150 O O   . VAL B 1 4  ? -7.49143  2.23619   -3.35521 1.000 20.55932 ? 4   VAL B O   1 
ATOM   151 C CB  . VAL B 1 4  ? -5.56046  0.08361   -5.29229 1.000 15.34729 ? 4   VAL B CB  1 
ATOM   152 C CG1 . VAL B 1 4  ? -4.15386  -0.43087  -5.39838 1.000 14.60416 ? 4   VAL B CG1 1 
ATOM   153 C CG2 . VAL B 1 4  ? -6.46558  -0.86125  -4.61698 1.000 19.97280 ? 4   VAL B CG2 1 
HETATM 154 C C12 . T7C B 1 5  ? -10.01900 2.04324   -4.79379 1.000 46.00223 ? 5   T7C B C12 1 
HETATM 155 C CA  . T7C B 1 5  ? -7.54359  4.00863   -6.13899 1.000 37.74122 ? 5   T7C B CA  1 
HETATM 156 C C13 . T7C B 1 5  ? -9.35631  3.38035   -5.06530 1.000 42.49935 ? 5   T7C B C13 1 
HETATM 157 C C1  . T7C B 1 5  ? -6.33870  4.78271   -5.63782 1.000 22.14614 ? 5   T7C B C1  1 
HETATM 158 C C2  . T7C B 1 5  ? -2.96608  3.80602   -6.51693 1.000 8.79035  ? 5   T7C B C2  1 
HETATM 159 C C   . T7C B 1 5  ? -2.26121  5.03235   -5.98793 1.000 7.55959  ? 5   T7C B C   1 
HETATM 160 C C4  . T7C B 1 5  ? -3.97370  4.16349   -7.59341 1.000 9.58571  ? 5   T7C B C4  1 
HETATM 161 N N1  . T7C B 1 5  ? -10.79682 1.87017   -3.58711 1.000 48.48557 ? 5   T7C B N1  1 
HETATM 162 N N   . T7C B 1 5  ? -7.90789  3.06732   -5.01244 1.000 30.49361 ? 5   T7C B N   1 
HETATM 163 O O   . T7C B 1 5  ? -1.44015  5.75589   -6.75167 1.000 9.00949  ? 5   T7C B O   1 
HETATM 164 O O5  . T7C B 1 5  ? -9.83958  1.15879   -5.55093 1.000 51.75349 ? 5   T7C B O5  1 
HETATM 165 S S1  . T7C B 1 5  ? -5.28694  5.23394   -7.01833 1.000 13.93538 ? 5   T7C B S1  1 
ATOM   166 N N   . THR B 1 6  ? -2.66860  5.45964   -4.67496 1.000 7.14439  ? 6   THR B N   1 
ATOM   167 C CA  A THR B 1 6  ? -2.21970  6.74018   -4.22801 0.617 6.75099  ? 6   THR B CA  1 
ATOM   168 C CA  B THR B 1 6  ? -2.23401  6.75147   -4.18252 0.383 6.72736  ? 6   THR B CA  1 
ATOM   169 C C   . THR B 1 6  ? -1.28097  6.51418   -3.04185 1.000 7.49552  ? 6   THR B C   1 
ATOM   170 O O   . THR B 1 6  ? -1.49146  5.60268   -2.24885 1.000 8.20961  ? 6   THR B O   1 
ATOM   171 C CB  A THR B 1 6  ? -3.40529  7.56510   -3.76269 0.617 9.29007  ? 6   THR B CB  1 
ATOM   172 C CB  B THR B 1 6  ? -3.42515  7.63554   -3.69900 0.383 9.34484  ? 6   THR B CB  1 
ATOM   173 O OG1 A THR B 1 6  ? -4.46643  7.43234   -4.70627 0.617 23.31725 ? 6   THR B OG1 1 
ATOM   174 O OG1 B THR B 1 6  ? -4.15404  6.97958   -2.66197 0.383 8.09335  ? 6   THR B OG1 1 
ATOM   175 C CG2 A THR B 1 6  ? -3.00257  8.97229   -3.71904 0.617 4.36315  ? 6   THR B CG2 1 
ATOM   176 C CG2 B THR B 1 6  ? -4.36064  7.89247   -4.77732 0.383 16.93787 ? 6   THR B CG2 1 
ATOM   177 N N   . TRP B 1 7  ? -0.24723  7.33773   -2.96209 1.000 7.19490  ? 7   TRP B N   1 
ATOM   178 C CA  . TRP B 1 7  ? 0.77046   7.15762   -1.94308 1.000 7.15961  ? 7   TRP B CA  1 
ATOM   179 C C   . TRP B 1 7  ? 0.30168   7.77342   -0.64286 1.000 7.35300  ? 7   TRP B C   1 
ATOM   180 O O   . TRP B 1 7  ? -0.05027  8.95733   -0.60465 1.000 9.26949  ? 7   TRP B O   1 
ATOM   181 C CB  . TRP B 1 7  ? 2.06713   7.80921   -2.40510 1.000 8.68803  ? 7   TRP B CB  1 
ATOM   182 C CG  . TRP B 1 7  ? 3.17545   7.72307   -1.39452 1.000 8.62677  ? 7   TRP B CG  1 
ATOM   183 C CD1 . TRP B 1 7  ? 3.60241   8.71308   -0.55082 1.000 10.10499 ? 7   TRP B CD1 1 
ATOM   184 C CD2 . TRP B 1 7  ? 3.97758   6.57627   -1.09529 1.000 8.51233  ? 7   TRP B CD2 1 
ATOM   185 N NE1 . TRP B 1 7  ? 4.63297   8.26788   0.23260  1.000 10.81652 ? 7   TRP B NE1 1 
ATOM   186 C CE2 . TRP B 1 7  ? 4.88191   6.95767   -0.08335 1.000 9.37131  ? 7   TRP B CE2 1 
ATOM   187 C CE3 . TRP B 1 7  ? 4.02799   5.27446   -1.58821 1.000 9.49624  ? 7   TRP B CE3 1 
ATOM   188 C CZ2 . TRP B 1 7  ? 5.84217   6.08725   0.43309  1.000 10.45657 ? 7   TRP B CZ2 1 
ATOM   189 C CZ3 . TRP B 1 7  ? 4.97292   4.40991   -1.06616 1.000 10.21747 ? 7   TRP B CZ3 1 
ATOM   190 C CH2 . TRP B 1 7  ? 5.86596   4.81674   -0.05907 1.000 12.31560 ? 7   TRP B CH2 1 
ATOM   191 N N   . GLU B 1 8  ? 0.32214   6.99206   0.43147  1.000 7.74684  ? 8   GLU B N   1 
ATOM   192 C CA  . GLU B 1 8  ? -0.10530  7.42029   1.75193  1.000 8.94015  ? 8   GLU B CA  1 
ATOM   193 C C   . GLU B 1 8  ? 0.97386   7.05814   2.75595  1.000 8.67855  ? 8   GLU B C   1 
ATOM   194 O O   . GLU B 1 8  ? 1.66657   6.04338   2.61926  1.000 10.73336 ? 8   GLU B O   1 
ATOM   195 C CB  . GLU B 1 8  ? -1.42406  6.77605   2.15664  1.000 13.10628 ? 8   GLU B CB  1 
ATOM   196 C CG  . GLU B 1 8  ? -2.43644  6.88349   1.04047  1.000 24.03358 ? 8   GLU B CG  1 
ATOM   197 C CD  . GLU B 1 8  ? -3.86381  6.88246   1.54387  1.000 42.92454 ? 8   GLU B CD  1 
ATOM   198 O OE1 . GLU B 1 8  ? -4.17908  6.02614   2.40647  1.000 50.55334 ? 8   GLU B OE1 1 
ATOM   199 O OE2 . GLU B 1 8  ? -4.67457  7.70834   1.04265  1.000 52.06845 ? 8   GLU B OE2 1 
ATOM   200 N N   . THR B 1 9  ? 1.10382   7.89553   3.78207  1.000 10.57695 ? 9   THR B N   1 
ATOM   201 C CA  . THR B 1 9  ? 2.07501   7.62518   4.84832  1.000 15.34554 ? 9   THR B CA  1 
ATOM   202 C C   . THR B 1 9  ? 1.32265   7.31374   6.12033  1.000 19.81796 ? 9   THR B C   1 
ATOM   203 O O   . THR B 1 9  ? 0.41984   8.05507   6.49858  1.000 20.72696 ? 9   THR B O   1 
ATOM   204 C CB  . THR B 1 9  ? 2.96737   8.83880   5.13188  1.000 18.20735 ? 9   THR B CB  1 
ATOM   205 O OG1 . THR B 1 9  ? 3.60113   9.24962   3.92270  1.000 23.54194 ? 9   THR B OG1 1 
ATOM   206 C CG2 . THR B 1 9  ? 4.04861   8.45304   6.08966  1.000 21.63429 ? 9   THR B CG2 1 
HETATM 207 C C12 . T7H B 1 10 ? 0.80879   5.51249   8.03793  1.000 28.20192 ? 10  T7H B C12 1 
HETATM 208 C C13 . T7H B 1 10 ? -0.68021  5.38668   7.72033  1.000 67.94715 ? 10  T7H B C13 1 
HETATM 209 C CA  . T7H B 1 10 ? 2.70461   5.09451   6.85462  1.000 22.72159 ? 10  T7H B CA  1 
HETATM 210 C C1  . T7H B 1 10 ? 2.30265   4.10877   5.76959  1.000 18.66887 ? 10  T7H B C1  1 
HETATM 211 C C2  . T7H B 1 10 ? 4.49593   4.32268   3.22393  1.000 8.89568  ? 10  T7H B C2  1 
HETATM 212 C C   . T7H B 1 10 ? 3.87698   3.26422   2.37215  1.000 9.39624  ? 10  T7H B C   1 
HETATM 213 C C4  . T7H B 1 10 ? 4.98182   3.80922   4.57152  1.000 11.40111 ? 10  T7H B C4  1 
HETATM 214 N N   . T7H B 1 10 ? 1.61205   6.11493   6.91826  1.000 23.32411 ? 10  T7H B N   1 
HETATM 215 O O   . T7H B 1 10 ? 4.47062   2.06501   2.22073  1.000 10.94025 ? 10  T7H B O   1 
HETATM 216 O O2  . T7H B 1 10 ? -1.49378  5.52101   8.66501  1.000 79.11336 ? 10  T7H B O2  1 
HETATM 217 O O5  . T7H B 1 10 ? -1.10169  5.14762   6.55518  1.000 75.69063 ? 10  T7H B O5  1 
HETATM 218 S S1  . T7H B 1 10 ? 3.69284   2.97196   5.53141  1.000 13.71790 ? 10  T7H B S1  1 
HETATM 219 O O   . HOH C 2 .  ? 3.73132   -9.85323  2.16700  1.000 50.81532 ? 101 HOH A O   1 
HETATM 220 O O   . HOH C 2 .  ? -0.36234  -8.82320  4.20114  1.000 27.31470 ? 102 HOH A O   1 
HETATM 221 O O   . HOH C 2 .  ? 2.70844   -10.40470 0.03454  0.50  12.79050 ? 103 HOH A O   1 
HETATM 222 O O   . HOH C 2 .  ? 5.93237   -4.89038  3.57452  1.000 27.01842 ? 104 HOH A O   1 
HETATM 223 O O   . HOH C 2 .  ? 7.38782   1.23811   6.24847  1.000 15.39000 ? 105 HOH A O   1 
HETATM 224 O O   . HOH C 2 .  ? -4.54240  -3.76050  -5.46130 1.000 17.64599 ? 106 HOH A O   1 
HETATM 225 O O   . HOH C 2 .  ? -4.82610  -11.26412 3.50152  1.000 13.40690 ? 107 HOH A O   1 
HETATM 226 O O   . HOH C 2 .  ? -1.15812  -4.36400  5.56565  1.000 29.22230 ? 108 HOH A O   1 
HETATM 227 O O   . HOH C 2 .  ? 4.32817   -8.84895  -3.02552 1.000 15.77561 ? 109 HOH A O   1 
HETATM 228 O O   . HOH C 2 .  ? -0.75034  2.17644   6.24807  1.000 37.89920 ? 110 HOH A O   1 
HETATM 229 O O   . HOH C 2 .  ? -8.50393  -7.36719  4.84777  1.000 30.72789 ? 111 HOH A O   1 
HETATM 230 O O   . HOH D 2 .  ? -4.18340  9.78564   0.14118  0.641 24.88360 ? 101 HOH B O   1 
HETATM 231 O O   . HOH D 2 .  ? 2.21681   11.08029  2.85084  1.000 34.54893 ? 102 HOH B O   1 
HETATM 232 O O   . HOH D 2 .  ? -12.85790 0.37597   -3.81102 1.000 28.66397 ? 103 HOH B O   1 
HETATM 233 O O   . HOH D 2 .  ? -2.17946  10.27401  -1.39657 1.000 18.17309 ? 104 HOH B O   1 
HETATM 234 O O   . HOH D 2 .  ? 5.96484   9.78305   2.59899  1.000 24.20290 ? 105 HOH B O   1 
HETATM 235 O O   . HOH D 2 .  ? -4.85220  -0.72569  -1.61760 1.000 11.00401 ? 106 HOH B O   1 
HETATM 236 O O   . HOH D 2 .  ? -8.36227  1.58934   -0.76948 1.000 35.43975 ? 107 HOH B O   1 
HETATM 237 O O   . HOH D 2 .  ? -2.33356  8.60427   6.12887  1.000 38.52882 ? 108 HOH B O   1 
HETATM 238 O O   . HOH D 2 .  ? 0.91976   11.18114  0.94574  1.000 33.21980 ? 109 HOH B O   1 
HETATM 239 O O   . HOH D 2 .  ? -6.69895  -0.62426  0.23762  1.000 26.35614 ? 110 HOH B O   1 
HETATM 240 O O   . HOH D 2 .  ? 5.55422   12.24054  2.61619  0.50  37.23167 ? 111 HOH B O   1 
HETATM 241 O O   . HOH D 2 .  ? -9.36432  -0.01335  -9.39210 1.000 41.53670 ? 112 HOH B O   1 
# 
